data_3OQF
#
_entry.id   3OQF
#
_cell.length_a   143.220
_cell.length_b   143.220
_cell.length_c   143.220
_cell.angle_alpha   90.000
_cell.angle_beta   90.000
_cell.angle_gamma   90.000
#
_symmetry.space_group_name_H-M   'P 21 3'
#
loop_
_entity.id
_entity.type
_entity.pdbx_description
1 polymer Renin
2 non-polymer 2-acetamido-2-deoxy-beta-D-glucopyranose
3 non-polymer 2-benzyl-1-phenyl-3-(piperazin-1-ylcarbonyl)-1H-indole
4 water water
#
_entity_poly.entity_id   1
_entity_poly.type   'polypeptide(L)'
_entity_poly.pdbx_seq_one_letter_code
;LTLGNTTSSVILTNYMDTQYYGEIGIGTPPQTFKVVFDTGSSNVWVPSSKCSRLYTACVYHKLFDASDSSSYKHNGTELT
LRYSTGTVSGFLSQDIITVGGITVTQMFGEVTEMPALPFMLAEFDGVVGMGFIEQAIGRVTPIFDNIISQGVLKEDVFSF
YYNRDSENSQSLGGQIVLGGSDPQHYEGNFHYINLIKTGVWQIQMKGVSVGSSTLLCEDGCLALVDTGASYISGSTSSIE
KLMEALGAKKRLFDYVVKCNEGPTLPDISFHLGGKEYTLTSADYVFQESYSSKKLCTLAIHAMDIPPPTGPTWALGATFI
RKFYTEFDRRNNRIGFALAR
;
_entity_poly.pdbx_strand_id   A,B
#
loop_
_chem_comp.id
_chem_comp.type
_chem_comp.name
_chem_comp.formula
NAG D-saccharide, beta linking 2-acetamido-2-deoxy-beta-D-glucopyranose 'C8 H15 N O6'
S51 non-polymer 2-benzyl-1-phenyl-3-(piperazin-1-ylcarbonyl)-1H-indole 'C26 H25 N3 O'
#
# COMPACT_ATOMS: atom_id res chain seq x y z
N GLY A 4 4.49 -14.93 30.73
CA GLY A 4 5.90 -15.27 30.67
C GLY A 4 6.74 -14.19 30.03
N ASN A 5 7.84 -14.58 29.36
CA ASN A 5 8.78 -13.64 28.76
C ASN A 5 8.97 -13.84 27.25
N THR A 6 8.05 -14.55 26.58
CA THR A 6 8.25 -14.88 25.17
C THR A 6 7.24 -14.30 24.19
N THR A 7 7.74 -14.09 22.95
CA THR A 7 6.99 -13.67 21.78
C THR A 7 7.27 -14.71 20.69
N SER A 8 6.21 -15.14 19.95
CA SER A 8 6.35 -16.13 18.89
C SER A 8 5.75 -15.55 17.61
N SER A 9 6.50 -15.59 16.51
CA SER A 9 5.98 -15.10 15.23
C SER A 9 5.76 -16.26 14.25
N VAL A 10 4.75 -16.13 13.40
CA VAL A 10 4.45 -17.07 12.34
C VAL A 10 4.57 -16.32 11.03
N ILE A 11 5.47 -16.77 10.15
CA ILE A 11 5.63 -16.16 8.83
C ILE A 11 4.45 -16.63 7.97
N LEU A 12 3.83 -15.69 7.27
CA LEU A 12 2.71 -16.00 6.40
C LEU A 12 3.08 -15.87 4.94
N THR A 13 2.44 -16.70 4.10
CA THR A 13 2.56 -16.63 2.65
C THR A 13 1.36 -15.84 2.18
N ASN A 14 1.59 -14.92 1.25
CA ASN A 14 0.53 -14.14 0.62
C ASN A 14 0.30 -14.68 -0.77
N TYR A 15 -0.88 -15.28 -0.96
CA TYR A 15 -1.29 -15.77 -2.26
C TYR A 15 -2.30 -14.78 -2.86
N MET A 16 -1.86 -14.03 -3.89
CA MET A 16 -2.70 -13.13 -4.71
C MET A 16 -3.49 -12.08 -3.95
N ASP A 17 -3.01 -11.66 -2.78
CA ASP A 17 -3.70 -10.71 -1.90
C ASP A 17 -5.06 -11.25 -1.40
N THR A 18 -5.35 -12.54 -1.59
CA THR A 18 -6.63 -13.11 -1.21
C THR A 18 -6.52 -14.15 -0.09
N GLN A 19 -5.41 -14.88 -0.04
CA GLN A 19 -5.20 -15.93 0.95
C GLN A 19 -3.88 -15.74 1.64
N TYR A 20 -3.93 -15.64 2.97
CA TYR A 20 -2.75 -15.50 3.83
C TYR A 20 -2.72 -16.70 4.76
N TYR A 21 -1.63 -17.46 4.70
CA TYR A 21 -1.50 -18.70 5.48
C TYR A 21 -0.06 -18.98 5.91
N GLY A 22 0.06 -19.71 7.01
CA GLY A 22 1.33 -20.14 7.55
C GLY A 22 1.32 -21.65 7.80
N GLU A 23 2.40 -22.17 8.34
CA GLU A 23 2.54 -23.60 8.62
C GLU A 23 2.36 -23.93 10.09
N ILE A 24 1.76 -25.09 10.35
CA ILE A 24 1.67 -25.69 11.68
C ILE A 24 2.08 -27.16 11.52
N GLY A 25 2.56 -27.74 12.60
CA GLY A 25 2.91 -29.15 12.66
C GLY A 25 1.92 -29.85 13.57
N ILE A 26 1.44 -31.03 13.16
CA ILE A 26 0.51 -31.83 13.96
C ILE A 26 1.04 -33.27 14.08
N GLY A 27 1.10 -33.76 15.31
CA GLY A 27 1.53 -35.12 15.59
C GLY A 27 3.00 -35.34 15.85
N THR A 28 3.36 -36.60 16.13
CA THR A 28 4.73 -37.04 16.38
C THR A 28 5.05 -38.24 15.47
N PRO A 29 5.93 -38.07 14.46
CA PRO A 29 6.60 -36.82 14.06
C PRO A 29 5.60 -35.83 13.46
N PRO A 30 5.98 -34.53 13.41
CA PRO A 30 5.05 -33.51 12.89
C PRO A 30 4.64 -33.71 11.43
N GLN A 31 3.34 -33.59 11.18
CA GLN A 31 2.76 -33.58 9.85
C GLN A 31 2.42 -32.09 9.65
N THR A 32 3.00 -31.47 8.61
CA THR A 32 2.87 -30.04 8.35
C THR A 32 1.68 -29.68 7.48
N PHE A 33 0.97 -28.60 7.85
CA PHE A 33 -0.19 -28.13 7.10
C PHE A 33 -0.14 -26.64 6.91
N LYS A 34 -0.67 -26.18 5.77
CA LYS A 34 -0.83 -24.75 5.46
C LYS A 34 -2.19 -24.39 6.03
N VAL A 35 -2.22 -23.39 6.92
CA VAL A 35 -3.46 -23.00 7.62
C VAL A 35 -3.70 -21.50 7.62
N VAL A 36 -4.98 -21.12 7.56
CA VAL A 36 -5.39 -19.73 7.71
C VAL A 36 -5.60 -19.52 9.21
N PHE A 37 -5.12 -18.38 9.72
CA PHE A 37 -5.33 -17.96 11.12
C PHE A 37 -6.49 -16.98 11.08
N ASP A 38 -7.64 -17.48 11.56
CA ASP A 38 -8.95 -16.89 11.42
C ASP A 38 -9.61 -16.39 12.71
N THR A 39 -9.69 -15.07 12.87
CA THR A 39 -10.36 -14.45 14.04
C THR A 39 -11.88 -14.57 13.94
N GLY A 40 -12.38 -14.92 12.76
CA GLY A 40 -13.80 -15.12 12.51
C GLY A 40 -14.34 -16.47 12.92
N SER A 41 -13.47 -17.37 13.41
CA SER A 41 -13.88 -18.71 13.87
C SER A 41 -12.99 -19.14 15.04
N SER A 42 -13.41 -20.19 15.76
CA SER A 42 -12.76 -20.63 16.99
C SER A 42 -12.26 -22.08 16.98
N ASN A 43 -12.46 -22.79 15.86
CA ASN A 43 -12.04 -24.18 15.75
C ASN A 43 -10.81 -24.38 14.89
N VAL A 44 -10.03 -25.40 15.23
CA VAL A 44 -8.88 -25.84 14.46
C VAL A 44 -9.36 -27.08 13.70
N TRP A 45 -9.06 -27.14 12.40
CA TRP A 45 -9.31 -28.33 11.59
C TRP A 45 -8.35 -28.45 10.44
N VAL A 46 -8.10 -29.69 10.03
CA VAL A 46 -7.30 -30.04 8.87
C VAL A 46 -8.00 -31.21 8.17
N PRO A 47 -7.74 -31.43 6.86
CA PRO A 47 -8.35 -32.60 6.19
C PRO A 47 -7.78 -33.91 6.75
N SER A 48 -8.62 -34.96 6.80
CA SER A 48 -8.29 -36.26 7.35
C SER A 48 -7.91 -37.26 6.27
N SER A 49 -7.08 -38.25 6.64
CA SER A 49 -6.74 -39.39 5.79
C SER A 49 -8.00 -40.27 5.61
N LYS A 50 -8.98 -40.13 6.53
CA LYS A 50 -10.27 -40.84 6.46
C LYS A 50 -11.26 -40.15 5.53
N CYS A 51 -10.85 -39.04 4.87
CA CYS A 51 -11.71 -38.35 3.91
C CYS A 51 -11.80 -39.16 2.62
N SER A 52 -13.03 -39.48 2.18
CA SER A 52 -13.26 -40.19 0.92
C SER A 52 -12.59 -39.46 -0.23
N ARG A 53 -11.89 -40.19 -1.11
CA ARG A 53 -11.20 -39.59 -2.25
C ARG A 53 -12.16 -39.13 -3.35
N LEU A 54 -13.46 -39.39 -3.18
CA LEU A 54 -14.51 -38.89 -4.07
C LEU A 54 -14.67 -37.37 -3.88
N TYR A 55 -14.20 -36.85 -2.72
CA TYR A 55 -14.08 -35.42 -2.49
C TYR A 55 -12.75 -35.01 -3.12
N THR A 56 -12.81 -34.31 -4.26
CA THR A 56 -11.63 -33.86 -5.00
C THR A 56 -10.72 -32.96 -4.18
N ALA A 57 -11.29 -32.17 -3.25
CA ALA A 57 -10.53 -31.31 -2.34
C ALA A 57 -9.60 -32.12 -1.45
N CYS A 58 -9.98 -33.36 -1.10
CA CYS A 58 -9.16 -34.26 -0.29
C CYS A 58 -8.05 -34.93 -1.07
N VAL A 59 -8.17 -34.93 -2.40
CA VAL A 59 -7.12 -35.44 -3.29
C VAL A 59 -6.05 -34.34 -3.47
N TYR A 60 -6.46 -33.07 -3.45
CA TYR A 60 -5.59 -31.91 -3.69
C TYR A 60 -5.06 -31.19 -2.44
N HIS A 61 -5.27 -31.75 -1.25
CA HIS A 61 -4.78 -31.17 0.00
C HIS A 61 -4.07 -32.21 0.85
N LYS A 62 -3.24 -31.73 1.80
CA LYS A 62 -2.51 -32.57 2.74
C LYS A 62 -3.54 -33.16 3.74
N LEU A 63 -3.41 -34.46 4.01
CA LEU A 63 -4.31 -35.17 4.91
C LEU A 63 -3.59 -35.64 6.16
N PHE A 64 -4.22 -35.43 7.32
CA PHE A 64 -3.68 -35.89 8.60
C PHE A 64 -3.91 -37.39 8.77
N ASP A 65 -2.83 -38.12 9.04
CA ASP A 65 -2.88 -39.56 9.27
C ASP A 65 -2.56 -39.88 10.72
N ALA A 66 -3.62 -40.12 11.50
CA ALA A 66 -3.53 -40.43 12.93
C ALA A 66 -2.67 -41.67 13.18
N SER A 67 -2.66 -42.62 12.20
CA SER A 67 -1.90 -43.86 12.23
C SER A 67 -0.39 -43.67 12.16
N ASP A 68 0.07 -42.47 11.83
CA ASP A 68 1.49 -42.16 11.77
C ASP A 68 1.94 -41.29 12.95
N SER A 69 1.00 -40.96 13.87
CA SER A 69 1.29 -40.12 15.03
C SER A 69 1.25 -40.90 16.33
N SER A 70 2.37 -40.91 17.06
CA SER A 70 2.49 -41.61 18.33
C SER A 70 1.88 -40.83 19.51
N SER A 71 1.59 -39.53 19.31
CA SER A 71 1.02 -38.66 20.34
C SER A 71 -0.49 -38.45 20.15
N TYR A 72 -1.06 -39.06 19.11
CA TYR A 72 -2.49 -38.97 18.81
C TYR A 72 -3.34 -39.61 19.89
N LYS A 73 -4.43 -38.92 20.29
CA LYS A 73 -5.40 -39.46 21.22
C LYS A 73 -6.79 -39.38 20.61
N HIS A 74 -7.44 -40.53 20.46
CA HIS A 74 -8.76 -40.65 19.84
C HIS A 74 -9.84 -39.94 20.65
N ASN A 75 -10.84 -39.38 19.95
CA ASN A 75 -12.04 -38.82 20.57
C ASN A 75 -13.25 -39.30 19.77
N GLY A 76 -13.32 -38.91 18.50
CA GLY A 76 -14.36 -39.37 17.58
C GLY A 76 -15.68 -38.64 17.57
N THR A 77 -15.86 -37.63 18.44
CA THR A 77 -17.10 -36.84 18.47
C THR A 77 -17.26 -36.11 17.13
N GLU A 78 -18.43 -36.29 16.51
CA GLU A 78 -18.75 -35.70 15.23
C GLU A 78 -18.96 -34.21 15.31
N LEU A 79 -18.46 -33.49 14.32
CA LEU A 79 -18.71 -32.05 14.28
C LEU A 79 -18.86 -31.54 12.87
N THR A 80 -19.68 -30.50 12.75
CA THR A 80 -19.98 -29.81 11.50
C THR A 80 -19.64 -28.35 11.71
N LEU A 81 -18.78 -27.81 10.84
CA LEU A 81 -18.35 -26.41 10.91
C LEU A 81 -18.90 -25.67 9.69
N ARG A 82 -19.89 -24.80 9.95
CA ARG A 82 -20.57 -24.00 8.94
C ARG A 82 -19.98 -22.60 8.82
N TYR A 83 -19.54 -22.24 7.61
CA TYR A 83 -19.00 -20.91 7.31
C TYR A 83 -19.88 -20.25 6.27
N SER A 84 -19.65 -18.95 6.05
CA SER A 84 -20.38 -18.15 5.08
C SER A 84 -20.16 -18.69 3.67
N THR A 85 -18.98 -19.23 3.41
CA THR A 85 -18.61 -19.73 2.08
C THR A 85 -18.88 -21.20 1.88
N GLY A 86 -19.00 -21.95 2.98
CA GLY A 86 -19.22 -23.37 2.87
C GLY A 86 -19.13 -24.10 4.19
N THR A 87 -19.30 -25.42 4.12
CA THR A 87 -19.33 -26.29 5.30
C THR A 87 -18.36 -27.46 5.19
N VAL A 88 -17.79 -27.84 6.33
CA VAL A 88 -16.96 -29.02 6.46
C VAL A 88 -17.51 -29.87 7.61
N SER A 89 -17.32 -31.18 7.50
CA SER A 89 -17.77 -32.11 8.52
C SER A 89 -16.67 -33.13 8.81
N GLY A 90 -16.65 -33.62 10.03
CA GLY A 90 -15.66 -34.60 10.45
C GLY A 90 -15.83 -35.00 11.88
N PHE A 91 -14.72 -35.27 12.55
CA PHE A 91 -14.71 -35.74 13.93
C PHE A 91 -13.54 -35.14 14.72
N LEU A 92 -13.67 -35.11 16.05
CA LEU A 92 -12.65 -34.55 16.93
C LEU A 92 -11.51 -35.51 17.21
N SER A 93 -10.29 -34.96 17.27
CA SER A 93 -9.08 -35.70 17.59
C SER A 93 -8.20 -34.80 18.44
N GLN A 94 -7.31 -35.41 19.22
CA GLN A 94 -6.35 -34.69 20.05
C GLN A 94 -4.93 -35.07 19.64
N ASP A 95 -4.04 -34.09 19.61
CA ASP A 95 -2.63 -34.29 19.33
C ASP A 95 -1.84 -33.05 19.68
N ILE A 96 -0.51 -33.15 19.56
CA ILE A 96 0.39 -32.03 19.78
C ILE A 96 0.43 -31.18 18.53
N ILE A 97 0.25 -29.86 18.67
CA ILE A 97 0.34 -28.91 17.56
C ILE A 97 1.51 -27.94 17.81
N THR A 98 2.36 -27.75 16.80
CA THR A 98 3.47 -26.80 16.86
C THR A 98 3.13 -25.56 16.04
N VAL A 99 3.16 -24.38 16.69
CA VAL A 99 2.88 -23.08 16.07
C VAL A 99 3.98 -22.08 16.47
N GLY A 100 4.82 -21.68 15.52
CA GLY A 100 5.89 -20.71 15.77
C GLY A 100 6.81 -21.03 16.92
N GLY A 101 7.18 -22.31 17.06
CA GLY A 101 8.06 -22.72 18.14
C GLY A 101 7.36 -23.10 19.43
N ILE A 102 6.05 -22.79 19.55
CA ILE A 102 5.25 -23.15 20.71
C ILE A 102 4.61 -24.52 20.45
N THR A 103 4.62 -25.39 21.47
CA THR A 103 4.03 -26.74 21.40
C THR A 103 2.83 -26.79 22.34
N VAL A 104 1.66 -27.20 21.82
CA VAL A 104 0.44 -27.28 22.61
C VAL A 104 -0.39 -28.53 22.27
N THR A 105 -0.97 -29.17 23.30
CA THR A 105 -1.89 -30.30 23.14
C THR A 105 -3.24 -29.67 22.82
N GLN A 106 -3.78 -30.01 21.65
CA GLN A 106 -4.98 -29.39 21.13
C GLN A 106 -5.98 -30.38 20.57
N MET A 107 -7.26 -30.12 20.85
CA MET A 107 -8.37 -30.86 20.24
C MET A 107 -8.66 -30.14 18.92
N PHE A 108 -8.73 -30.90 17.84
CA PHE A 108 -8.98 -30.36 16.50
C PHE A 108 -9.89 -31.27 15.69
N GLY A 109 -10.39 -30.75 14.59
CA GLY A 109 -11.25 -31.51 13.70
C GLY A 109 -10.48 -32.20 12.59
N GLU A 110 -10.79 -33.48 12.39
CA GLU A 110 -10.29 -34.27 11.26
C GLU A 110 -11.45 -34.24 10.25
N VAL A 111 -11.32 -33.45 9.18
CA VAL A 111 -12.38 -33.27 8.18
C VAL A 111 -12.45 -34.43 7.19
N THR A 112 -13.62 -35.06 7.10
CA THR A 112 -13.89 -36.19 6.22
C THR A 112 -14.83 -35.84 5.08
N GLU A 113 -15.44 -34.64 5.11
CA GLU A 113 -16.36 -34.17 4.08
C GLU A 113 -15.97 -32.74 3.76
N MET A 114 -15.41 -32.55 2.56
CA MET A 114 -14.82 -31.29 2.13
C MET A 114 -15.25 -30.98 0.69
N PRO A 115 -16.30 -30.13 0.53
CA PRO A 115 -16.80 -29.80 -0.82
C PRO A 115 -15.81 -29.09 -1.72
N ALA A 116 -15.87 -29.41 -3.03
CA ALA A 116 -14.99 -28.84 -4.05
C ALA A 116 -15.11 -27.33 -4.08
N LEU A 117 -16.33 -26.82 -3.96
CA LEU A 117 -16.57 -25.40 -3.84
C LEU A 117 -16.87 -25.14 -2.38
N PRO A 118 -16.05 -24.36 -1.67
CA PRO A 118 -14.91 -23.54 -2.13
C PRO A 118 -13.51 -24.13 -1.97
N PHE A 119 -13.40 -25.33 -1.40
CA PHE A 119 -12.12 -25.89 -0.99
C PHE A 119 -11.12 -26.26 -2.06
N MET A 120 -11.58 -26.50 -3.29
CA MET A 120 -10.68 -26.73 -4.42
C MET A 120 -9.98 -25.41 -4.80
N LEU A 121 -10.43 -24.27 -4.23
CA LEU A 121 -9.87 -22.95 -4.46
C LEU A 121 -8.91 -22.49 -3.36
N ALA A 122 -8.85 -23.24 -2.25
CA ALA A 122 -8.00 -22.96 -1.12
C ALA A 122 -6.58 -23.46 -1.39
N GLU A 123 -5.58 -22.56 -1.21
CA GLU A 123 -4.16 -22.90 -1.31
C GLU A 123 -3.72 -23.47 0.02
N PHE A 124 -4.50 -23.24 1.04
CA PHE A 124 -4.28 -23.73 2.37
C PHE A 124 -5.03 -25.06 2.54
N ASP A 125 -4.62 -25.82 3.55
CA ASP A 125 -5.21 -27.12 3.87
C ASP A 125 -6.32 -26.99 4.89
N GLY A 126 -6.05 -26.24 5.96
CA GLY A 126 -7.00 -26.06 7.03
C GLY A 126 -7.03 -24.68 7.66
N VAL A 127 -7.56 -24.62 8.87
CA VAL A 127 -7.78 -23.37 9.60
C VAL A 127 -7.43 -23.49 11.06
N VAL A 128 -6.87 -22.41 11.60
CA VAL A 128 -6.63 -22.25 13.03
C VAL A 128 -7.54 -21.10 13.48
N GLY A 129 -8.60 -21.43 14.22
CA GLY A 129 -9.53 -20.47 14.76
C GLY A 129 -8.93 -19.63 15.87
N MET A 130 -8.90 -18.29 15.67
CA MET A 130 -8.33 -17.32 16.63
C MET A 130 -9.44 -16.60 17.42
N GLY A 131 -10.67 -17.08 17.26
CA GLY A 131 -11.82 -16.55 17.98
C GLY A 131 -11.94 -17.11 19.40
N PHE A 132 -13.01 -16.71 20.11
CA PHE A 132 -13.28 -17.08 21.49
C PHE A 132 -13.99 -18.44 21.64
N ILE A 133 -13.85 -19.06 22.83
CA ILE A 133 -14.48 -20.34 23.17
C ILE A 133 -16.02 -20.29 23.01
N GLU A 134 -16.62 -19.11 23.24
CA GLU A 134 -18.06 -18.90 23.11
C GLU A 134 -18.60 -19.32 21.76
N GLN A 135 -17.79 -19.17 20.70
CA GLN A 135 -18.17 -19.53 19.34
C GLN A 135 -17.58 -20.84 18.86
N ALA A 136 -16.89 -21.58 19.74
CA ALA A 136 -16.30 -22.85 19.36
C ALA A 136 -17.37 -23.94 19.27
N ILE A 137 -17.39 -24.67 18.13
CA ILE A 137 -18.32 -25.79 17.92
C ILE A 137 -17.85 -26.97 18.75
N GLY A 138 -18.76 -27.52 19.54
CA GLY A 138 -18.48 -28.59 20.47
C GLY A 138 -17.79 -28.09 21.73
N ARG A 139 -17.79 -26.76 21.92
CA ARG A 139 -17.14 -26.06 23.03
C ARG A 139 -15.69 -26.52 23.28
N VAL A 140 -14.97 -26.81 22.19
CA VAL A 140 -13.57 -27.21 22.27
C VAL A 140 -12.73 -25.97 22.58
N THR A 141 -11.81 -26.08 23.56
CA THR A 141 -10.96 -24.95 23.93
C THR A 141 -10.13 -24.46 22.74
N PRO A 142 -10.25 -23.18 22.33
CA PRO A 142 -9.43 -22.68 21.22
C PRO A 142 -7.93 -22.70 21.53
N ILE A 143 -7.10 -22.78 20.48
CA ILE A 143 -5.65 -22.89 20.58
C ILE A 143 -4.97 -21.77 21.36
N PHE A 144 -5.41 -20.50 21.17
CA PHE A 144 -4.78 -19.37 21.86
C PHE A 144 -5.03 -19.42 23.37
N ASP A 145 -6.20 -19.93 23.76
CA ASP A 145 -6.56 -20.12 25.16
C ASP A 145 -5.64 -21.18 25.78
N ASN A 146 -5.35 -22.26 25.03
CA ASN A 146 -4.44 -23.32 25.48
C ASN A 146 -3.00 -22.82 25.58
N ILE A 147 -2.57 -21.95 24.64
CA ILE A 147 -1.22 -21.37 24.66
C ILE A 147 -1.07 -20.43 25.85
N ILE A 148 -2.09 -19.59 26.12
CA ILE A 148 -2.09 -18.67 27.25
C ILE A 148 -1.99 -19.39 28.59
N SER A 149 -2.63 -20.56 28.72
CA SER A 149 -2.58 -21.39 29.92
C SER A 149 -1.17 -21.86 30.27
N GLN A 150 -0.28 -21.94 29.27
CA GLN A 150 1.12 -22.34 29.47
C GLN A 150 1.94 -21.29 30.22
N GLY A 151 1.44 -20.05 30.28
CA GLY A 151 2.08 -18.93 30.95
C GLY A 151 3.44 -18.56 30.39
N VAL A 152 3.58 -18.63 29.06
CA VAL A 152 4.84 -18.34 28.37
C VAL A 152 4.85 -16.99 27.65
N LEU A 153 3.70 -16.58 27.09
CA LEU A 153 3.58 -15.33 26.34
C LEU A 153 3.69 -14.08 27.21
N LYS A 154 4.40 -13.06 26.69
CA LYS A 154 4.63 -11.77 27.37
C LYS A 154 3.31 -11.05 27.66
N GLU A 155 2.41 -11.01 26.67
CA GLU A 155 1.10 -10.37 26.78
C GLU A 155 0.00 -11.28 26.26
N ASP A 156 -1.22 -11.06 26.73
CA ASP A 156 -2.39 -11.80 26.31
C ASP A 156 -2.97 -11.14 25.05
N VAL A 157 -2.14 -11.01 24.02
CA VAL A 157 -2.49 -10.36 22.76
C VAL A 157 -1.86 -11.09 21.56
N PHE A 158 -2.41 -10.89 20.38
CA PHE A 158 -1.83 -11.36 19.13
C PHE A 158 -2.09 -10.33 18.04
N SER A 159 -1.14 -10.20 17.11
CA SER A 159 -1.14 -9.18 16.08
C SER A 159 -0.99 -9.72 14.66
N PHE A 160 -1.59 -9.00 13.70
CA PHE A 160 -1.57 -9.38 12.29
C PHE A 160 -1.00 -8.30 11.40
N TYR A 161 -0.07 -8.73 10.55
CA TYR A 161 0.49 -7.92 9.48
C TYR A 161 0.23 -8.67 8.19
N TYR A 162 -0.52 -8.04 7.26
CA TYR A 162 -0.75 -8.60 5.92
C TYR A 162 -0.10 -7.65 4.93
N ASN A 163 0.86 -8.16 4.17
CA ASN A 163 1.55 -7.38 3.16
C ASN A 163 0.70 -7.20 1.91
N ARG A 164 0.95 -6.05 1.26
CA ARG A 164 0.31 -5.65 0.01
C ARG A 164 0.92 -6.42 -1.13
N ASP A 165 2.20 -6.71 -1.01
CA ASP A 165 2.95 -7.35 -2.05
C ASP A 165 2.88 -8.87 -1.97
N SER A 166 2.38 -9.48 -3.05
CA SER A 166 2.32 -10.94 -3.18
C SER A 166 3.27 -11.41 -4.28
N GLU A 167 3.33 -10.67 -5.38
CA GLU A 167 4.15 -11.06 -6.52
C GLU A 167 5.65 -11.11 -6.24
N ASN A 168 6.13 -10.14 -5.46
CA ASN A 168 7.56 -10.03 -5.20
C ASN A 168 8.10 -11.09 -4.27
N SER A 169 9.23 -11.71 -4.66
CA SER A 169 9.95 -12.65 -3.79
C SER A 169 10.76 -11.80 -2.80
N GLN A 170 11.22 -12.41 -1.68
CA GLN A 170 11.99 -11.72 -0.63
C GLN A 170 11.24 -10.55 0.02
N SER A 171 9.90 -10.56 -0.07
CA SER A 171 9.08 -9.49 0.53
C SER A 171 8.44 -9.64 1.92
N LEU A 172 8.07 -10.87 2.35
CA LEU A 172 7.30 -11.24 3.56
C LEU A 172 5.83 -11.07 3.23
N GLY A 173 5.16 -12.20 3.06
CA GLY A 173 3.73 -12.24 2.76
C GLY A 173 2.89 -11.66 3.87
N GLY A 174 3.33 -11.88 5.10
CA GLY A 174 2.66 -11.38 6.27
C GLY A 174 3.27 -11.98 7.52
N GLN A 175 2.71 -11.65 8.67
CA GLN A 175 3.27 -12.08 9.94
C GLN A 175 2.25 -11.99 11.08
N ILE A 176 2.23 -13.04 11.91
CA ILE A 176 1.43 -13.06 13.14
C ILE A 176 2.42 -13.07 14.28
N VAL A 177 2.20 -12.21 15.28
CA VAL A 177 3.00 -12.20 16.49
C VAL A 177 2.06 -12.67 17.60
N LEU A 178 2.39 -13.80 18.22
CA LEU A 178 1.67 -14.30 19.38
C LEU A 178 2.38 -13.71 20.59
N GLY A 179 1.62 -13.00 21.42
CA GLY A 179 2.16 -12.43 22.64
C GLY A 179 2.65 -10.99 22.55
N GLY A 180 2.38 -10.31 21.43
CA GLY A 180 2.78 -8.92 21.21
C GLY A 180 2.53 -8.37 19.83
N SER A 181 3.31 -7.34 19.47
CA SER A 181 3.27 -6.63 18.17
C SER A 181 4.67 -6.41 17.65
N ASP A 182 4.80 -6.19 16.34
CA ASP A 182 6.08 -5.90 15.73
C ASP A 182 6.09 -4.44 15.24
N PRO A 183 6.85 -3.55 15.94
CA PRO A 183 6.91 -2.13 15.53
C PRO A 183 7.55 -1.86 14.18
N GLN A 184 8.23 -2.87 13.59
CA GLN A 184 8.78 -2.76 12.25
C GLN A 184 7.65 -2.71 11.20
N HIS A 185 6.46 -3.22 11.54
CA HIS A 185 5.32 -3.32 10.62
C HIS A 185 4.15 -2.36 10.85
N TYR A 186 4.31 -1.40 11.76
CA TYR A 186 3.33 -0.33 11.95
C TYR A 186 4.00 0.97 12.32
N GLU A 187 3.30 2.07 12.13
CA GLU A 187 3.79 3.39 12.52
C GLU A 187 2.69 4.17 13.19
N GLY A 188 3.12 5.16 13.94
CA GLY A 188 2.22 5.93 14.78
C GLY A 188 1.81 5.09 15.98
N ASN A 189 0.70 5.47 16.62
CA ASN A 189 0.19 4.79 17.80
C ASN A 189 -1.03 3.97 17.52
N PHE A 190 -1.23 2.91 18.32
CA PHE A 190 -2.43 2.12 18.24
C PHE A 190 -3.63 2.93 18.73
N HIS A 191 -4.76 2.74 18.05
CA HIS A 191 -6.04 3.33 18.41
C HIS A 191 -6.96 2.16 18.69
N TYR A 192 -7.43 2.07 19.96
CA TYR A 192 -8.21 0.94 20.40
C TYR A 192 -9.70 1.15 20.39
N ILE A 193 -10.43 0.10 20.03
CA ILE A 193 -11.88 0.06 20.02
C ILE A 193 -12.28 -1.15 20.84
N ASN A 194 -13.11 -0.94 21.87
CA ASN A 194 -13.56 -2.02 22.73
C ASN A 194 -14.55 -2.93 22.02
N LEU A 195 -14.52 -4.22 22.36
CA LEU A 195 -15.45 -5.19 21.80
C LEU A 195 -16.84 -4.87 22.35
N ILE A 196 -17.88 -5.00 21.50
CA ILE A 196 -19.28 -4.84 21.94
C ILE A 196 -19.52 -5.81 23.09
N LYS A 197 -19.04 -7.05 22.93
CA LYS A 197 -19.10 -8.11 23.92
C LYS A 197 -17.95 -9.09 23.72
N THR A 198 -17.55 -9.76 24.80
CA THR A 198 -16.54 -10.82 24.73
C THR A 198 -17.20 -12.00 24.01
N GLY A 199 -16.40 -12.87 23.41
CA GLY A 199 -16.92 -14.01 22.68
C GLY A 199 -16.85 -13.87 21.18
N VAL A 200 -16.66 -12.63 20.70
CA VAL A 200 -16.59 -12.34 19.26
C VAL A 200 -15.75 -11.10 19.01
N TRP A 201 -14.81 -11.16 18.04
CA TRP A 201 -13.96 -10.03 17.67
C TRP A 201 -14.77 -9.06 16.81
N GLN A 202 -15.78 -8.43 17.44
CA GLN A 202 -16.72 -7.54 16.78
C GLN A 202 -16.79 -6.22 17.53
N ILE A 203 -16.77 -5.11 16.78
CA ILE A 203 -16.81 -3.77 17.33
C ILE A 203 -17.94 -2.95 16.72
N GLN A 204 -18.30 -1.85 17.39
CA GLN A 204 -19.29 -0.94 16.90
C GLN A 204 -18.67 -0.09 15.78
N MET A 205 -19.42 0.10 14.70
CA MET A 205 -19.04 0.98 13.60
C MET A 205 -20.08 2.11 13.56
N LYS A 206 -19.61 3.36 13.53
CA LYS A 206 -20.48 4.53 13.59
C LYS A 206 -20.82 5.19 12.26
N GLY A 207 -20.39 4.58 11.17
CA GLY A 207 -20.67 5.12 9.84
C GLY A 207 -19.72 4.64 8.76
N VAL A 208 -20.23 4.56 7.53
CA VAL A 208 -19.45 4.20 6.34
C VAL A 208 -19.70 5.30 5.30
N SER A 209 -18.64 6.06 4.96
CA SER A 209 -18.73 7.16 4.00
C SER A 209 -18.14 6.80 2.65
N VAL A 210 -18.83 7.17 1.58
CA VAL A 210 -18.35 7.03 0.19
C VAL A 210 -18.12 8.45 -0.29
N GLY A 211 -16.86 8.86 -0.34
CA GLY A 211 -16.52 10.23 -0.65
C GLY A 211 -16.73 11.10 0.58
N SER A 212 -17.39 12.26 0.40
CA SER A 212 -17.66 13.22 1.46
C SER A 212 -18.77 12.83 2.43
N SER A 213 -19.97 12.55 1.89
CA SER A 213 -21.14 12.22 2.70
C SER A 213 -21.11 10.81 3.29
N THR A 214 -21.77 10.64 4.43
CA THR A 214 -21.97 9.35 5.06
C THR A 214 -23.20 8.76 4.40
N LEU A 215 -22.97 7.83 3.48
CA LEU A 215 -24.10 7.22 2.80
C LEU A 215 -24.68 6.04 3.57
N LEU A 216 -23.83 5.30 4.29
CA LEU A 216 -24.24 4.09 4.98
C LEU A 216 -23.93 4.05 6.46
N CYS A 217 -24.55 3.09 7.16
CA CYS A 217 -24.35 2.85 8.59
C CYS A 217 -24.60 4.13 9.42
N GLU A 218 -25.63 4.87 9.04
CA GLU A 218 -26.05 6.07 9.74
C GLU A 218 -26.87 5.45 10.88
N ASP A 219 -26.60 5.87 12.13
CA ASP A 219 -27.21 5.33 13.35
C ASP A 219 -26.49 4.08 13.88
N GLY A 220 -25.32 3.79 13.34
CA GLY A 220 -24.51 2.67 13.80
C GLY A 220 -24.81 1.33 13.20
N CYS A 221 -23.81 0.43 13.28
CA CYS A 221 -23.84 -0.95 12.78
C CYS A 221 -22.66 -1.73 13.37
N LEU A 222 -22.56 -3.02 13.00
CA LEU A 222 -21.51 -3.88 13.53
C LEU A 222 -20.40 -4.15 12.52
N ALA A 223 -19.18 -4.36 13.02
CA ALA A 223 -18.01 -4.67 12.21
C ALA A 223 -17.21 -5.80 12.83
N LEU A 224 -17.20 -6.94 12.16
CA LEU A 224 -16.42 -8.10 12.56
C LEU A 224 -15.02 -7.94 11.95
N VAL A 225 -13.97 -7.98 12.79
CA VAL A 225 -12.59 -7.86 12.32
C VAL A 225 -12.11 -9.29 12.07
N ASP A 226 -12.14 -9.70 10.79
CA ASP A 226 -11.97 -11.06 10.33
C ASP A 226 -10.74 -11.33 9.49
N THR A 227 -9.72 -11.96 10.11
CA THR A 227 -8.46 -12.28 9.46
C THR A 227 -8.56 -13.39 8.44
N GLY A 228 -9.63 -14.19 8.53
CA GLY A 228 -9.88 -15.28 7.60
C GLY A 228 -10.68 -14.87 6.39
N ALA A 229 -11.10 -13.61 6.30
CA ALA A 229 -11.87 -13.09 5.18
C ALA A 229 -10.95 -12.33 4.21
N SER A 230 -11.10 -12.58 2.88
CA SER A 230 -10.26 -11.93 1.87
C SER A 230 -10.58 -10.47 1.67
N TYR A 231 -11.89 -10.14 1.70
CA TYR A 231 -12.41 -8.83 1.39
C TYR A 231 -13.04 -8.14 2.56
N ILE A 232 -13.45 -6.89 2.32
CA ILE A 232 -14.35 -6.17 3.19
C ILE A 232 -15.75 -6.62 2.70
N SER A 233 -16.64 -6.98 3.61
CA SER A 233 -18.00 -7.36 3.23
C SER A 233 -19.03 -6.63 4.07
N GLY A 234 -20.20 -6.43 3.49
CA GLY A 234 -21.38 -5.88 4.14
C GLY A 234 -22.57 -6.70 3.73
N SER A 235 -23.76 -6.42 4.30
CA SER A 235 -25.00 -7.10 3.89
C SER A 235 -25.29 -6.81 2.41
N THR A 236 -26.12 -7.65 1.76
CA THR A 236 -26.51 -7.45 0.36
C THR A 236 -27.10 -6.06 0.17
N SER A 237 -27.97 -5.62 1.10
CA SER A 237 -28.61 -4.31 1.07
C SER A 237 -27.62 -3.15 1.18
N SER A 238 -26.59 -3.27 2.04
CA SER A 238 -25.56 -2.24 2.23
C SER A 238 -24.65 -2.15 0.99
N ILE A 239 -24.23 -3.31 0.47
CA ILE A 239 -23.32 -3.38 -0.68
C ILE A 239 -23.93 -2.88 -1.97
N GLU A 240 -25.21 -3.19 -2.22
CA GLU A 240 -25.87 -2.72 -3.43
C GLU A 240 -25.99 -1.19 -3.46
N LYS A 241 -26.13 -0.57 -2.28
CA LYS A 241 -26.15 0.90 -2.13
C LYS A 241 -24.73 1.44 -2.33
N LEU A 242 -23.73 0.78 -1.74
CA LEU A 242 -22.33 1.15 -1.87
C LEU A 242 -21.91 1.11 -3.35
N MET A 243 -22.25 0.01 -4.03
CA MET A 243 -21.87 -0.22 -5.43
C MET A 243 -22.59 0.69 -6.40
N GLU A 244 -23.82 1.08 -6.06
CA GLU A 244 -24.61 2.06 -6.81
C GLU A 244 -23.83 3.39 -6.80
N ALA A 245 -23.32 3.79 -5.61
CA ALA A 245 -22.54 5.01 -5.42
C ALA A 245 -21.21 4.98 -6.17
N LEU A 246 -20.57 3.80 -6.24
CA LEU A 246 -19.30 3.64 -6.95
C LEU A 246 -19.49 3.51 -8.46
N GLY A 247 -20.68 3.09 -8.89
CA GLY A 247 -20.98 2.86 -10.31
C GLY A 247 -20.52 1.49 -10.75
N ALA A 248 -20.36 0.57 -9.79
CA ALA A 248 -19.89 -0.80 -10.03
C ALA A 248 -21.01 -1.71 -10.47
N LYS A 249 -20.65 -2.68 -11.35
CA LYS A 249 -21.55 -3.66 -11.94
C LYS A 249 -21.45 -5.00 -11.21
N LYS A 250 -22.61 -5.58 -10.87
CA LYS A 250 -22.68 -6.86 -10.19
C LYS A 250 -22.49 -8.01 -11.17
N ARG A 251 -21.54 -8.91 -10.87
CA ARG A 251 -21.36 -10.14 -11.62
C ARG A 251 -21.80 -11.27 -10.70
N LEU A 252 -21.48 -12.53 -11.06
CA LEU A 252 -21.86 -13.71 -10.30
C LEU A 252 -21.60 -13.61 -8.81
N PHE A 253 -20.33 -13.49 -8.40
CA PHE A 253 -19.97 -13.45 -6.99
C PHE A 253 -19.37 -12.11 -6.54
N ASP A 254 -18.80 -11.37 -7.48
CA ASP A 254 -18.12 -10.12 -7.17
C ASP A 254 -18.73 -8.90 -7.86
N TYR A 255 -18.13 -7.73 -7.63
CA TYR A 255 -18.46 -6.49 -8.29
C TYR A 255 -17.27 -6.02 -9.09
N VAL A 256 -17.56 -5.38 -10.22
CA VAL A 256 -16.53 -4.92 -11.13
C VAL A 256 -16.76 -3.51 -11.59
N VAL A 257 -15.68 -2.89 -12.06
CA VAL A 257 -15.63 -1.53 -12.60
C VAL A 257 -14.78 -1.62 -13.88
N LYS A 258 -14.97 -0.69 -14.81
CA LYS A 258 -14.12 -0.63 -15.99
C LYS A 258 -12.75 -0.19 -15.46
N CYS A 259 -11.68 -0.86 -15.88
CA CYS A 259 -10.33 -0.65 -15.33
C CYS A 259 -9.84 0.78 -15.39
N ASN A 260 -10.15 1.50 -16.48
CA ASN A 260 -9.77 2.89 -16.64
C ASN A 260 -10.40 3.79 -15.57
N GLU A 261 -11.59 3.43 -15.09
CA GLU A 261 -12.34 4.18 -14.09
C GLU A 261 -11.91 3.91 -12.64
N GLY A 262 -11.17 2.83 -12.42
CA GLY A 262 -10.70 2.43 -11.10
C GLY A 262 -10.02 3.55 -10.31
N PRO A 263 -8.99 4.18 -10.91
CA PRO A 263 -8.32 5.30 -10.23
C PRO A 263 -9.22 6.52 -9.92
N THR A 264 -10.33 6.69 -10.65
CA THR A 264 -11.25 7.82 -10.46
C THR A 264 -12.22 7.62 -9.27
N LEU A 265 -12.28 6.43 -8.71
CA LEU A 265 -13.22 6.09 -7.65
C LEU A 265 -12.97 6.83 -6.32
N PRO A 266 -14.07 7.11 -5.57
CA PRO A 266 -13.93 7.85 -4.31
C PRO A 266 -13.37 7.04 -3.16
N ASP A 267 -12.92 7.73 -2.11
CA ASP A 267 -12.43 7.10 -0.90
C ASP A 267 -13.60 6.50 -0.16
N ILE A 268 -13.33 5.41 0.58
CA ILE A 268 -14.33 4.76 1.44
C ILE A 268 -13.78 4.84 2.86
N SER A 269 -14.57 5.46 3.76
CA SER A 269 -14.18 5.66 5.16
C SER A 269 -15.04 4.89 6.13
N PHE A 270 -14.40 4.21 7.07
CA PHE A 270 -15.07 3.44 8.12
C PHE A 270 -14.82 4.14 9.45
N HIS A 271 -15.91 4.58 10.10
CA HIS A 271 -15.83 5.29 11.37
C HIS A 271 -15.82 4.29 12.53
N LEU A 272 -14.65 4.13 13.16
CA LEU A 272 -14.44 3.18 14.25
C LEU A 272 -13.77 3.85 15.45
N GLY A 273 -14.45 3.79 16.59
CA GLY A 273 -13.97 4.37 17.85
C GLY A 273 -13.56 5.83 17.77
N GLY A 274 -14.36 6.64 17.07
CA GLY A 274 -14.12 8.08 16.93
C GLY A 274 -13.12 8.49 15.86
N LYS A 275 -12.38 7.52 15.29
CA LYS A 275 -11.37 7.74 14.26
C LYS A 275 -11.92 7.29 12.90
N GLU A 276 -11.47 7.94 11.82
CA GLU A 276 -11.89 7.59 10.45
C GLU A 276 -10.79 6.77 9.79
N TYR A 277 -11.15 5.56 9.34
CA TYR A 277 -10.22 4.63 8.69
C TYR A 277 -10.50 4.64 7.18
N THR A 278 -9.67 5.35 6.43
CA THR A 278 -9.90 5.59 5.00
C THR A 278 -9.12 4.68 4.07
N LEU A 279 -9.85 4.14 3.08
CA LEU A 279 -9.28 3.37 1.99
C LEU A 279 -9.51 4.16 0.70
N THR A 280 -8.44 4.36 -0.07
CA THR A 280 -8.51 4.99 -1.40
C THR A 280 -8.84 3.88 -2.40
N SER A 281 -9.14 4.25 -3.66
CA SER A 281 -9.43 3.26 -4.70
C SER A 281 -8.26 2.30 -4.92
N ALA A 282 -7.01 2.77 -4.75
CA ALA A 282 -5.79 1.95 -4.85
C ALA A 282 -5.81 0.84 -3.80
N ASP A 283 -6.47 1.08 -2.65
CA ASP A 283 -6.58 0.11 -1.56
C ASP A 283 -7.66 -0.95 -1.78
N TYR A 284 -8.72 -0.63 -2.52
CA TYR A 284 -9.84 -1.57 -2.71
C TYR A 284 -10.10 -2.05 -4.13
N VAL A 285 -9.37 -1.51 -5.12
CA VAL A 285 -9.51 -1.95 -6.51
C VAL A 285 -8.35 -2.87 -6.89
N PHE A 286 -8.67 -4.03 -7.49
CA PHE A 286 -7.65 -4.88 -8.06
C PHE A 286 -7.33 -4.29 -9.43
N GLN A 287 -6.38 -3.35 -9.43
CA GLN A 287 -5.96 -2.61 -10.61
C GLN A 287 -4.99 -3.42 -11.47
N GLU A 288 -5.54 -4.42 -12.17
CA GLU A 288 -4.77 -5.33 -13.01
C GLU A 288 -4.46 -4.76 -14.39
N SER A 289 -5.14 -3.68 -14.77
CA SER A 289 -4.92 -2.93 -16.01
C SER A 289 -5.59 -1.58 -15.92
N TYR A 290 -5.40 -0.75 -16.97
CA TYR A 290 -6.00 0.57 -17.07
C TYR A 290 -6.87 0.66 -18.30
N SER A 291 -7.16 -0.49 -18.88
CA SER A 291 -7.90 -0.52 -20.12
C SER A 291 -9.38 -0.24 -19.95
N SER A 292 -9.94 0.53 -20.88
CA SER A 292 -11.37 0.81 -20.95
C SER A 292 -12.12 -0.42 -21.47
N LYS A 293 -11.37 -1.41 -22.02
CA LYS A 293 -11.88 -2.65 -22.61
C LYS A 293 -11.83 -3.84 -21.65
N LYS A 294 -11.39 -3.61 -20.41
CA LYS A 294 -11.28 -4.66 -19.40
C LYS A 294 -12.04 -4.29 -18.14
N LEU A 295 -12.44 -5.33 -17.38
CA LEU A 295 -13.17 -5.16 -16.13
C LEU A 295 -12.26 -5.48 -14.96
N CYS A 296 -12.26 -4.62 -13.93
CA CYS A 296 -11.42 -4.74 -12.75
C CYS A 296 -12.26 -5.03 -11.51
N THR A 297 -11.90 -6.08 -10.78
CA THR A 297 -12.63 -6.50 -9.58
C THR A 297 -12.35 -5.58 -8.39
N LEU A 298 -13.37 -5.46 -7.53
CA LEU A 298 -13.30 -4.75 -6.26
C LEU A 298 -13.11 -5.76 -5.14
N ALA A 299 -12.24 -5.41 -4.16
CA ALA A 299 -11.96 -6.25 -3.00
C ALA A 299 -12.98 -6.03 -1.88
N ILE A 300 -14.25 -5.90 -2.29
CA ILE A 300 -15.43 -5.69 -1.43
C ILE A 300 -16.59 -6.43 -2.06
N HIS A 301 -17.31 -7.22 -1.27
CA HIS A 301 -18.50 -7.91 -1.78
C HIS A 301 -19.60 -8.05 -0.74
N ALA A 302 -20.74 -8.61 -1.16
CA ALA A 302 -21.84 -8.85 -0.26
C ALA A 302 -21.64 -10.18 0.45
N MET A 303 -21.94 -10.20 1.74
CA MET A 303 -21.93 -11.41 2.55
C MET A 303 -22.94 -11.25 3.68
N ASP A 304 -24.02 -12.04 3.61
CA ASP A 304 -25.06 -12.00 4.61
C ASP A 304 -24.74 -12.99 5.73
N ILE A 305 -24.19 -12.47 6.84
CA ILE A 305 -23.85 -13.27 8.01
C ILE A 305 -25.08 -13.36 8.91
N PRO A 306 -25.55 -14.58 9.22
CA PRO A 306 -26.79 -14.72 9.99
C PRO A 306 -26.64 -14.47 11.48
N PRO A 307 -27.78 -14.28 12.20
CA PRO A 307 -27.74 -14.13 13.66
C PRO A 307 -27.12 -15.35 14.37
N PRO A 308 -26.54 -15.17 15.58
CA PRO A 308 -26.48 -13.93 16.37
C PRO A 308 -25.34 -12.98 16.01
N THR A 309 -24.32 -13.48 15.29
CA THR A 309 -23.14 -12.67 14.91
C THR A 309 -23.50 -11.54 13.97
N GLY A 310 -24.26 -11.85 12.94
CA GLY A 310 -24.74 -10.88 11.97
C GLY A 310 -26.18 -10.50 12.19
N PRO A 311 -26.75 -9.60 11.36
CA PRO A 311 -26.13 -8.87 10.23
C PRO A 311 -24.94 -8.04 10.69
N THR A 312 -23.84 -8.09 9.93
CA THR A 312 -22.60 -7.39 10.28
C THR A 312 -21.72 -7.21 9.06
N TRP A 313 -20.93 -6.12 9.08
CA TRP A 313 -19.88 -5.91 8.11
C TRP A 313 -18.72 -6.78 8.56
N ALA A 314 -17.85 -7.17 7.64
CA ALA A 314 -16.63 -7.90 7.99
C ALA A 314 -15.46 -7.15 7.40
N LEU A 315 -14.46 -6.84 8.24
CA LEU A 315 -13.25 -6.15 7.82
C LEU A 315 -12.14 -7.19 7.69
N GLY A 316 -11.89 -7.63 6.45
CA GLY A 316 -10.91 -8.65 6.12
C GLY A 316 -9.57 -8.14 5.68
N ALA A 317 -8.88 -8.92 4.82
CA ALA A 317 -7.53 -8.63 4.34
C ALA A 317 -7.41 -7.28 3.65
N THR A 318 -8.48 -6.85 2.96
CA THR A 318 -8.52 -5.53 2.31
C THR A 318 -8.22 -4.43 3.34
N PHE A 319 -8.88 -4.52 4.51
CA PHE A 319 -8.71 -3.56 5.60
C PHE A 319 -7.38 -3.72 6.34
N ILE A 320 -7.02 -4.99 6.67
CA ILE A 320 -5.80 -5.32 7.44
C ILE A 320 -4.51 -4.93 6.74
N ARG A 321 -4.50 -5.01 5.40
CA ARG A 321 -3.33 -4.59 4.59
C ARG A 321 -2.94 -3.15 4.88
N LYS A 322 -3.95 -2.25 5.01
CA LYS A 322 -3.70 -0.85 5.32
C LYS A 322 -3.44 -0.66 6.83
N PHE A 323 -4.22 -1.36 7.67
CA PHE A 323 -4.15 -1.19 9.12
C PHE A 323 -3.69 -2.42 9.90
N TYR A 324 -2.45 -2.37 10.40
CA TYR A 324 -1.86 -3.38 11.30
C TYR A 324 -2.82 -3.53 12.49
N THR A 325 -3.21 -4.77 12.80
CA THR A 325 -4.23 -5.06 13.81
C THR A 325 -3.72 -5.86 15.01
N GLU A 326 -4.01 -5.36 16.22
CA GLU A 326 -3.69 -6.07 17.46
C GLU A 326 -4.99 -6.54 18.10
N PHE A 327 -5.06 -7.84 18.43
CA PHE A 327 -6.20 -8.45 19.10
C PHE A 327 -5.84 -8.65 20.55
N ASP A 328 -6.46 -7.85 21.43
CA ASP A 328 -6.17 -7.82 22.85
C ASP A 328 -7.20 -8.58 23.68
N ARG A 329 -6.82 -9.79 24.11
CA ARG A 329 -7.69 -10.65 24.92
C ARG A 329 -7.80 -10.18 26.36
N ARG A 330 -6.72 -9.62 26.91
CA ARG A 330 -6.67 -9.11 28.27
C ARG A 330 -7.73 -8.04 28.53
N ASN A 331 -7.85 -7.08 27.59
CA ASN A 331 -8.75 -5.94 27.70
C ASN A 331 -9.96 -5.99 26.79
N ASN A 332 -10.16 -7.10 26.04
CA ASN A 332 -11.28 -7.26 25.10
C ASN A 332 -11.46 -6.02 24.20
N ARG A 333 -10.42 -5.73 23.43
CA ARG A 333 -10.39 -4.60 22.50
C ARG A 333 -9.55 -4.94 21.29
N ILE A 334 -9.69 -4.14 20.23
CA ILE A 334 -8.93 -4.28 19.00
C ILE A 334 -8.19 -2.96 18.76
N GLY A 335 -6.90 -3.06 18.46
CA GLY A 335 -6.08 -1.90 18.16
C GLY A 335 -5.69 -1.84 16.70
N PHE A 336 -5.71 -0.64 16.12
CA PHE A 336 -5.29 -0.40 14.74
C PHE A 336 -4.19 0.64 14.69
N ALA A 337 -3.24 0.44 13.79
CA ALA A 337 -2.17 1.38 13.50
C ALA A 337 -1.86 1.29 12.01
N LEU A 338 -1.35 2.38 11.42
CA LEU A 338 -1.01 2.42 10.00
C LEU A 338 0.10 1.41 9.74
N ALA A 339 -0.18 0.42 8.86
CA ALA A 339 0.80 -0.63 8.54
C ALA A 339 1.93 -0.09 7.68
N ARG A 340 3.10 -0.76 7.76
CA ARG A 340 4.27 -0.44 6.94
C ARG A 340 5.15 -1.67 6.63
N GLY B 4 16.25 12.40 17.91
CA GLY B 4 15.74 11.66 16.76
C GLY B 4 15.82 10.17 16.92
N ASN B 5 14.66 9.51 17.06
CA ASN B 5 14.60 8.07 17.26
C ASN B 5 13.69 7.37 16.25
N THR B 6 12.97 8.13 15.42
CA THR B 6 11.97 7.56 14.53
C THR B 6 12.20 7.73 13.04
N THR B 7 11.54 6.88 12.27
CA THR B 7 11.43 6.98 10.82
C THR B 7 9.95 6.86 10.51
N SER B 8 9.56 7.42 9.40
CA SER B 8 8.18 7.39 8.95
C SER B 8 8.14 7.08 7.47
N SER B 9 7.35 6.07 7.09
CA SER B 9 7.23 5.71 5.69
C SER B 9 5.83 6.04 5.13
N VAL B 10 5.79 6.42 3.85
CA VAL B 10 4.56 6.71 3.14
C VAL B 10 4.50 5.76 1.95
N ILE B 11 3.46 4.93 1.89
CA ILE B 11 3.25 4.02 0.76
C ILE B 11 2.77 4.84 -0.43
N LEU B 12 3.38 4.61 -1.59
CA LEU B 12 3.00 5.32 -2.80
C LEU B 12 2.26 4.43 -3.79
N THR B 13 1.33 5.05 -4.53
CA THR B 13 0.61 4.39 -5.61
C THR B 13 1.37 4.76 -6.88
N ASN B 14 1.59 3.78 -7.75
CA ASN B 14 2.22 3.98 -9.04
C ASN B 14 1.12 3.97 -10.09
N TYR B 15 0.92 5.11 -10.74
CA TYR B 15 -0.02 5.24 -11.85
C TYR B 15 0.75 5.30 -13.15
N MET B 16 0.69 4.21 -13.94
CA MET B 16 1.25 4.09 -15.29
C MET B 16 2.75 4.43 -15.44
N ASP B 17 3.53 4.28 -14.36
CA ASP B 17 4.96 4.65 -14.31
C ASP B 17 5.20 6.14 -14.55
N THR B 18 4.14 6.97 -14.52
CA THR B 18 4.25 8.40 -14.78
C THR B 18 3.91 9.26 -13.56
N GLN B 19 3.05 8.76 -12.65
CA GLN B 19 2.65 9.50 -11.47
C GLN B 19 2.76 8.63 -10.23
N TYR B 20 3.49 9.12 -9.23
CA TYR B 20 3.69 8.45 -7.94
C TYR B 20 3.17 9.36 -6.84
N TYR B 21 2.21 8.86 -6.06
CA TYR B 21 1.58 9.66 -5.02
C TYR B 21 1.14 8.83 -3.81
N GLY B 22 1.09 9.49 -2.67
CA GLY B 22 0.64 8.90 -1.41
C GLY B 22 -0.41 9.75 -0.76
N GLU B 23 -0.84 9.38 0.44
CA GLU B 23 -1.88 10.08 1.18
C GLU B 23 -1.30 10.96 2.29
N ILE B 24 -1.94 12.10 2.51
CA ILE B 24 -1.72 12.98 3.66
C ILE B 24 -3.09 13.33 4.21
N GLY B 25 -3.13 13.66 5.49
CA GLY B 25 -4.35 14.11 6.13
C GLY B 25 -4.17 15.58 6.48
N ILE B 26 -5.20 16.39 6.25
CA ILE B 26 -5.20 17.82 6.59
C ILE B 26 -6.44 18.16 7.42
N GLY B 27 -6.21 18.81 8.56
CA GLY B 27 -7.28 19.26 9.43
C GLY B 27 -7.69 18.32 10.52
N THR B 28 -8.67 18.76 11.33
CA THR B 28 -9.25 18.00 12.44
C THR B 28 -10.78 17.98 12.29
N PRO B 29 -11.40 16.83 11.97
CA PRO B 29 -10.76 15.55 11.65
C PRO B 29 -10.01 15.62 10.31
N PRO B 30 -9.08 14.66 10.08
CA PRO B 30 -8.30 14.69 8.83
C PRO B 30 -9.11 14.56 7.56
N GLN B 31 -8.82 15.43 6.58
CA GLN B 31 -9.34 15.37 5.22
C GLN B 31 -8.15 14.82 4.43
N THR B 32 -8.33 13.65 3.78
CA THR B 32 -7.27 12.93 3.07
C THR B 32 -7.12 13.37 1.61
N PHE B 33 -5.87 13.53 1.17
CA PHE B 33 -5.53 13.92 -0.20
C PHE B 33 -4.44 13.05 -0.77
N LYS B 34 -4.51 12.81 -2.08
CA LYS B 34 -3.47 12.12 -2.83
C LYS B 34 -2.50 13.23 -3.25
N VAL B 35 -1.23 13.08 -2.87
CA VAL B 35 -0.22 14.11 -3.14
C VAL B 35 1.08 13.55 -3.72
N VAL B 36 1.71 14.32 -4.61
CA VAL B 36 3.02 14.01 -5.12
C VAL B 36 4.01 14.63 -4.16
N PHE B 37 5.06 13.88 -3.81
CA PHE B 37 6.16 14.35 -2.98
C PHE B 37 7.27 14.75 -3.97
N ASP B 38 7.43 16.07 -4.10
CA ASP B 38 8.19 16.73 -5.14
C ASP B 38 9.43 17.48 -4.68
N THR B 39 10.63 16.93 -4.98
CA THR B 39 11.90 17.58 -4.64
C THR B 39 12.17 18.78 -5.57
N GLY B 40 11.42 18.88 -6.66
CA GLY B 40 11.53 19.98 -7.62
C GLY B 40 10.77 21.24 -7.21
N SER B 41 10.06 21.22 -6.07
CA SER B 41 9.33 22.38 -5.53
C SER B 41 9.34 22.37 -4.01
N SER B 42 8.96 23.50 -3.39
CA SER B 42 9.05 23.69 -1.94
C SER B 42 7.75 24.03 -1.22
N ASN B 43 6.64 24.11 -1.97
CA ASN B 43 5.35 24.46 -1.38
C ASN B 43 4.41 23.27 -1.28
N VAL B 44 3.55 23.31 -0.26
CA VAL B 44 2.48 22.34 -0.05
C VAL B 44 1.21 23.04 -0.53
N TRP B 45 0.42 22.35 -1.35
CA TRP B 45 -0.89 22.84 -1.77
C TRP B 45 -1.84 21.71 -2.09
N VAL B 46 -3.13 21.99 -1.89
CA VAL B 46 -4.23 21.10 -2.24
C VAL B 46 -5.36 21.98 -2.82
N PRO B 47 -6.29 21.39 -3.62
CA PRO B 47 -7.41 22.19 -4.11
C PRO B 47 -8.35 22.60 -2.97
N SER B 48 -8.95 23.79 -3.10
CA SER B 48 -9.83 24.38 -2.09
C SER B 48 -11.30 24.17 -2.40
N SER B 49 -12.14 24.13 -1.35
CA SER B 49 -13.60 24.10 -1.47
C SER B 49 -14.07 25.44 -2.07
N LYS B 50 -13.25 26.50 -1.94
CA LYS B 50 -13.51 27.83 -2.49
C LYS B 50 -13.14 27.93 -3.98
N CYS B 51 -12.68 26.82 -4.59
CA CYS B 51 -12.34 26.80 -6.01
C CYS B 51 -13.64 26.79 -6.85
N SER B 52 -13.76 27.74 -7.79
CA SER B 52 -14.90 27.81 -8.71
C SER B 52 -15.06 26.48 -9.46
N ARG B 53 -16.30 26.00 -9.57
CA ARG B 53 -16.60 24.73 -10.26
C ARG B 53 -16.53 24.83 -11.80
N LEU B 54 -16.26 26.04 -12.32
CA LEU B 54 -16.03 26.28 -13.74
C LEU B 54 -14.67 25.70 -14.13
N TYR B 55 -13.77 25.53 -13.13
CA TYR B 55 -12.50 24.83 -13.30
C TYR B 55 -12.84 23.35 -13.20
N THR B 56 -12.78 22.64 -14.33
CA THR B 56 -13.09 21.21 -14.41
C THR B 56 -12.21 20.37 -13.49
N ALA B 57 -10.94 20.78 -13.29
CA ALA B 57 -10.01 20.08 -12.39
C ALA B 57 -10.49 20.10 -10.94
N CYS B 58 -11.23 21.16 -10.53
CA CYS B 58 -11.78 21.27 -9.17
C CYS B 58 -13.04 20.45 -8.97
N VAL B 59 -13.65 19.99 -10.07
CA VAL B 59 -14.81 19.11 -10.03
C VAL B 59 -14.31 17.65 -9.88
N TYR B 60 -13.16 17.34 -10.49
CA TYR B 60 -12.59 16.01 -10.53
C TYR B 60 -11.52 15.71 -9.47
N HIS B 61 -11.33 16.60 -8.48
CA HIS B 61 -10.37 16.41 -7.40
C HIS B 61 -10.97 16.68 -6.04
N LYS B 62 -10.36 16.13 -4.98
CA LYS B 62 -10.77 16.34 -3.58
C LYS B 62 -10.45 17.78 -3.19
N LEU B 63 -11.39 18.43 -2.51
CA LEU B 63 -11.26 19.82 -2.11
C LEU B 63 -11.18 19.96 -0.60
N PHE B 64 -10.27 20.80 -0.10
CA PHE B 64 -10.14 21.05 1.34
C PHE B 64 -11.20 22.03 1.80
N ASP B 65 -12.02 21.59 2.75
CA ASP B 65 -13.05 22.41 3.38
C ASP B 65 -12.54 22.87 4.76
N ALA B 66 -12.15 24.15 4.89
CA ALA B 66 -11.65 24.74 6.13
C ALA B 66 -12.70 24.79 7.25
N SER B 67 -13.99 24.92 6.90
CA SER B 67 -15.06 24.98 7.90
C SER B 67 -15.24 23.68 8.67
N ASP B 68 -14.84 22.56 8.06
CA ASP B 68 -14.93 21.24 8.67
C ASP B 68 -13.72 20.91 9.58
N SER B 69 -12.72 21.81 9.60
CA SER B 69 -11.51 21.62 10.41
C SER B 69 -11.49 22.55 11.63
N SER B 70 -11.39 21.95 12.83
CA SER B 70 -11.34 22.70 14.09
C SER B 70 -9.95 23.24 14.41
N SER B 71 -8.92 22.77 13.70
CA SER B 71 -7.53 23.20 13.88
C SER B 71 -7.08 24.19 12.82
N TYR B 72 -7.98 24.53 11.89
CA TYR B 72 -7.71 25.49 10.81
C TYR B 72 -7.49 26.89 11.34
N LYS B 73 -6.42 27.55 10.89
CA LYS B 73 -6.13 28.94 11.22
C LYS B 73 -6.00 29.73 9.94
N HIS B 74 -6.86 30.75 9.79
CA HIS B 74 -6.91 31.61 8.62
C HIS B 74 -5.62 32.42 8.44
N ASN B 75 -5.26 32.67 7.18
CA ASN B 75 -4.16 33.57 6.83
C ASN B 75 -4.62 34.47 5.66
N GLY B 76 -4.93 33.85 4.52
CA GLY B 76 -5.49 34.55 3.38
C GLY B 76 -4.54 35.22 2.42
N THR B 77 -3.22 35.19 2.70
CA THR B 77 -2.22 35.77 1.80
C THR B 77 -2.26 35.05 0.45
N GLU B 78 -2.36 35.81 -0.65
CA GLU B 78 -2.44 35.27 -1.99
C GLU B 78 -1.15 34.61 -2.45
N LEU B 79 -1.28 33.42 -3.05
CA LEU B 79 -0.19 32.61 -3.60
C LEU B 79 -0.37 32.44 -5.09
N THR B 80 0.75 32.42 -5.84
CA THR B 80 0.80 32.03 -7.25
C THR B 80 2.00 31.09 -7.43
N LEU B 81 1.72 29.81 -7.68
CA LEU B 81 2.75 28.79 -7.85
C LEU B 81 2.90 28.40 -9.30
N ARG B 82 3.96 28.86 -9.94
CA ARG B 82 4.18 28.57 -11.35
C ARG B 82 5.25 27.50 -11.54
N TYR B 83 4.90 26.48 -12.32
CA TYR B 83 5.75 25.33 -12.65
C TYR B 83 6.01 25.29 -14.13
N SER B 84 6.90 24.40 -14.58
CA SER B 84 7.23 24.25 -16.00
C SER B 84 6.00 23.84 -16.82
N THR B 85 5.14 23.02 -16.20
CA THR B 85 3.94 22.48 -16.83
C THR B 85 2.73 23.35 -16.72
N GLY B 86 2.69 24.20 -15.70
CA GLY B 86 1.55 25.06 -15.49
C GLY B 86 1.56 25.85 -14.20
N THR B 87 0.50 26.63 -13.97
CA THR B 87 0.37 27.52 -12.81
C THR B 87 -0.92 27.29 -12.03
N VAL B 88 -0.82 27.41 -10.71
CA VAL B 88 -1.96 27.38 -9.78
C VAL B 88 -1.92 28.64 -8.94
N SER B 89 -3.10 29.12 -8.54
CA SER B 89 -3.24 30.30 -7.71
C SER B 89 -4.19 30.00 -6.56
N GLY B 90 -3.98 30.67 -5.44
CA GLY B 90 -4.82 30.48 -4.27
C GLY B 90 -4.44 31.37 -3.13
N PHE B 91 -4.62 30.88 -1.91
CA PHE B 91 -4.30 31.63 -0.71
C PHE B 91 -3.72 30.72 0.38
N LEU B 92 -2.97 31.32 1.30
CA LEU B 92 -2.33 30.58 2.39
C LEU B 92 -3.28 30.26 3.53
N SER B 93 -3.13 29.06 4.09
CA SER B 93 -3.89 28.59 5.24
C SER B 93 -2.96 27.78 6.13
N GLN B 94 -3.31 27.68 7.42
CA GLN B 94 -2.54 26.89 8.38
C GLN B 94 -3.42 25.82 8.99
N ASP B 95 -2.86 24.62 9.15
CA ASP B 95 -3.55 23.50 9.78
C ASP B 95 -2.56 22.40 10.12
N ILE B 96 -3.06 21.36 10.79
CA ILE B 96 -2.27 20.19 11.13
C ILE B 96 -2.25 19.25 9.93
N ILE B 97 -1.07 18.80 9.52
CA ILE B 97 -0.91 17.83 8.43
C ILE B 97 -0.36 16.51 8.99
N THR B 98 -0.99 15.38 8.63
CA THR B 98 -0.53 14.06 9.02
C THR B 98 0.16 13.37 7.85
N VAL B 99 1.42 12.98 8.04
CA VAL B 99 2.23 12.30 7.02
C VAL B 99 2.89 11.06 7.65
N GLY B 100 2.40 9.86 7.31
CA GLY B 100 2.93 8.60 7.81
C GLY B 100 3.12 8.51 9.32
N GLY B 101 2.11 8.92 10.07
CA GLY B 101 2.20 8.85 11.52
C GLY B 101 2.77 10.10 12.18
N ILE B 102 3.37 11.01 11.40
CA ILE B 102 3.92 12.27 11.92
C ILE B 102 2.85 13.35 11.80
N THR B 103 2.68 14.18 12.84
CA THR B 103 1.74 15.28 12.86
C THR B 103 2.52 16.60 12.91
N VAL B 104 2.26 17.52 11.98
CA VAL B 104 2.96 18.80 11.90
C VAL B 104 2.03 19.97 11.56
N THR B 105 2.20 21.13 12.23
CA THR B 105 1.46 22.35 11.91
C THR B 105 2.18 22.95 10.71
N GLN B 106 1.44 23.15 9.61
CA GLN B 106 1.99 23.58 8.35
C GLN B 106 1.17 24.65 7.66
N MET B 107 1.86 25.64 7.08
CA MET B 107 1.24 26.65 6.24
C MET B 107 1.22 26.03 4.83
N PHE B 108 0.05 26.03 4.19
CA PHE B 108 -0.12 25.46 2.86
C PHE B 108 -1.03 26.33 2.01
N GLY B 109 -1.06 26.03 0.72
CA GLY B 109 -1.90 26.75 -0.22
C GLY B 109 -3.22 26.08 -0.46
N GLU B 110 -4.30 26.87 -0.41
CA GLU B 110 -5.65 26.45 -0.78
C GLU B 110 -5.83 26.96 -2.21
N VAL B 111 -5.76 26.07 -3.20
CA VAL B 111 -5.83 26.44 -4.62
C VAL B 111 -7.25 26.70 -5.10
N THR B 112 -7.48 27.91 -5.61
CA THR B 112 -8.79 28.34 -6.12
C THR B 112 -8.82 28.49 -7.64
N GLU B 113 -7.66 28.38 -8.29
CA GLU B 113 -7.54 28.48 -9.76
C GLU B 113 -6.65 27.34 -10.22
N MET B 114 -7.26 26.36 -10.89
CA MET B 114 -6.62 25.11 -11.29
C MET B 114 -6.96 24.80 -12.75
N PRO B 115 -6.05 25.13 -13.70
CA PRO B 115 -6.33 24.88 -15.12
C PRO B 115 -6.44 23.41 -15.51
N ALA B 116 -7.29 23.11 -16.50
CA ALA B 116 -7.52 21.77 -17.01
C ALA B 116 -6.22 21.15 -17.50
N LEU B 117 -5.41 21.91 -18.21
CA LEU B 117 -4.08 21.50 -18.62
C LEU B 117 -3.11 22.14 -17.66
N PRO B 118 -2.35 21.36 -16.87
CA PRO B 118 -2.22 19.90 -16.85
C PRO B 118 -3.01 19.16 -15.76
N PHE B 119 -3.77 19.87 -14.94
CA PHE B 119 -4.40 19.29 -13.76
C PHE B 119 -5.53 18.30 -13.94
N MET B 120 -6.17 18.31 -15.12
CA MET B 120 -7.19 17.30 -15.45
C MET B 120 -6.49 15.96 -15.77
N LEU B 121 -5.14 15.97 -15.80
CA LEU B 121 -4.30 14.82 -16.07
C LEU B 121 -3.70 14.22 -14.80
N ALA B 122 -3.76 14.95 -13.70
CA ALA B 122 -3.26 14.53 -12.41
C ALA B 122 -4.24 13.57 -11.73
N GLU B 123 -3.74 12.37 -11.34
CA GLU B 123 -4.51 11.40 -10.57
C GLU B 123 -4.44 11.78 -9.09
N PHE B 124 -3.47 12.63 -8.79
CA PHE B 124 -3.25 13.17 -7.46
C PHE B 124 -4.02 14.47 -7.35
N ASP B 125 -4.26 14.91 -6.11
CA ASP B 125 -4.98 16.14 -5.80
C ASP B 125 -4.04 17.33 -5.68
N GLY B 126 -2.96 17.13 -4.92
CA GLY B 126 -2.00 18.20 -4.67
C GLY B 126 -0.56 17.76 -4.61
N VAL B 127 0.25 18.60 -3.98
CA VAL B 127 1.69 18.42 -3.94
C VAL B 127 2.24 18.75 -2.57
N VAL B 128 3.24 17.97 -2.16
CA VAL B 128 4.04 18.24 -0.96
C VAL B 128 5.46 18.54 -1.49
N GLY B 129 5.85 19.82 -1.42
CA GLY B 129 7.17 20.26 -1.85
C GLY B 129 8.25 19.79 -0.90
N MET B 130 9.21 19.02 -1.43
CA MET B 130 10.33 18.47 -0.66
C MET B 130 11.62 19.25 -0.89
N GLY B 131 11.51 20.39 -1.58
CA GLY B 131 12.62 21.29 -1.85
C GLY B 131 12.93 22.20 -0.67
N PHE B 132 13.89 23.11 -0.87
CA PHE B 132 14.38 24.04 0.16
C PHE B 132 13.56 25.31 0.28
N ILE B 133 13.64 25.98 1.44
CA ILE B 133 12.96 27.25 1.72
C ILE B 133 13.33 28.35 0.71
N GLU B 134 14.56 28.29 0.18
CA GLU B 134 15.07 29.26 -0.81
C GLU B 134 14.15 29.37 -2.03
N GLN B 135 13.52 28.27 -2.42
CA GLN B 135 12.63 28.22 -3.59
C GLN B 135 11.15 28.24 -3.21
N ALA B 136 10.83 28.42 -1.91
CA ALA B 136 9.44 28.47 -1.45
C ALA B 136 8.82 29.82 -1.78
N ILE B 137 7.64 29.79 -2.44
CA ILE B 137 6.90 30.99 -2.80
C ILE B 137 6.22 31.53 -1.55
N GLY B 138 6.43 32.81 -1.29
CA GLY B 138 5.94 33.49 -0.09
C GLY B 138 6.82 33.17 1.11
N ARG B 139 8.00 32.57 0.86
CA ARG B 139 8.97 32.13 1.87
C ARG B 139 8.33 31.33 3.00
N VAL B 140 7.32 30.50 2.67
CA VAL B 140 6.67 29.64 3.65
C VAL B 140 7.60 28.49 3.98
N THR B 141 7.78 28.20 5.28
CA THR B 141 8.67 27.12 5.71
C THR B 141 8.20 25.78 5.13
N PRO B 142 9.07 25.07 4.37
CA PRO B 142 8.67 23.75 3.83
C PRO B 142 8.40 22.73 4.94
N ILE B 143 7.56 21.74 4.62
CA ILE B 143 7.12 20.71 5.57
C ILE B 143 8.25 19.92 6.23
N PHE B 144 9.28 19.54 5.46
CA PHE B 144 10.38 18.75 6.03
C PHE B 144 11.19 19.53 7.05
N ASP B 145 11.30 20.85 6.84
CA ASP B 145 11.98 21.75 7.78
C ASP B 145 11.18 21.82 9.09
N ASN B 146 9.84 21.85 8.99
CA ASN B 146 8.96 21.86 10.16
C ASN B 146 9.00 20.53 10.91
N ILE B 147 9.09 19.40 10.18
CA ILE B 147 9.18 18.06 10.78
C ILE B 147 10.52 17.90 11.51
N ILE B 148 11.61 18.37 10.90
CA ILE B 148 12.96 18.29 11.49
C ILE B 148 13.03 19.09 12.80
N SER B 149 12.32 20.23 12.88
CA SER B 149 12.25 21.07 14.08
C SER B 149 11.66 20.33 15.28
N GLN B 150 10.84 19.31 15.04
CA GLN B 150 10.22 18.50 16.10
C GLN B 150 11.22 17.62 16.83
N GLY B 151 12.38 17.37 16.21
CA GLY B 151 13.45 16.57 16.77
C GLY B 151 13.08 15.12 17.02
N VAL B 152 12.29 14.53 16.11
CA VAL B 152 11.81 13.15 16.21
C VAL B 152 12.51 12.18 15.25
N LEU B 153 12.89 12.66 14.05
CA LEU B 153 13.52 11.84 13.02
C LEU B 153 14.95 11.44 13.36
N LYS B 154 15.30 10.17 13.11
CA LYS B 154 16.63 9.61 13.35
C LYS B 154 17.73 10.39 12.63
N GLU B 155 17.51 10.71 11.34
CA GLU B 155 18.45 11.45 10.49
C GLU B 155 17.76 12.57 9.75
N ASP B 156 18.55 13.59 9.36
CA ASP B 156 18.08 14.74 8.58
C ASP B 156 18.11 14.38 7.09
N VAL B 157 17.43 13.26 6.74
CA VAL B 157 17.39 12.73 5.37
C VAL B 157 16.00 12.17 5.04
N PHE B 158 15.71 12.03 3.75
CA PHE B 158 14.51 11.37 3.25
C PHE B 158 14.83 10.63 1.97
N SER B 159 14.20 9.46 1.79
CA SER B 159 14.50 8.55 0.69
C SER B 159 13.31 8.17 -0.18
N PHE B 160 13.56 7.89 -1.45
CA PHE B 160 12.54 7.54 -2.42
C PHE B 160 12.81 6.20 -3.09
N TYR B 161 11.77 5.37 -3.13
CA TYR B 161 11.72 4.12 -3.88
C TYR B 161 10.53 4.23 -4.84
N TYR B 162 10.80 4.12 -6.14
CA TYR B 162 9.74 4.08 -7.16
C TYR B 162 9.81 2.73 -7.84
N ASN B 163 8.73 1.94 -7.79
CA ASN B 163 8.69 0.64 -8.45
C ASN B 163 8.31 0.78 -9.93
N ARG B 164 8.38 -0.30 -10.70
CA ARG B 164 7.89 -0.35 -12.09
C ARG B 164 6.64 -1.26 -12.16
N ASP B 165 6.13 -1.56 -13.37
CA ASP B 165 4.97 -2.43 -13.61
C ASP B 165 3.74 -1.96 -12.86
N SER B 166 3.29 -0.78 -13.24
CA SER B 166 2.10 -0.17 -12.68
C SER B 166 0.84 -1.01 -12.97
N GLU B 167 0.91 -1.86 -14.03
CA GLU B 167 -0.16 -2.76 -14.45
C GLU B 167 -0.48 -3.84 -13.41
N ASN B 168 0.50 -4.18 -12.55
CA ASN B 168 0.32 -5.18 -11.50
C ASN B 168 -0.07 -4.53 -10.17
N SER B 169 -1.30 -4.79 -9.70
CA SER B 169 -1.79 -4.27 -8.43
C SER B 169 -1.11 -5.01 -7.25
N GLN B 170 -0.68 -6.26 -7.48
CA GLN B 170 -0.02 -7.10 -6.48
C GLN B 170 1.44 -6.73 -6.19
N SER B 171 1.87 -5.53 -6.60
CA SER B 171 3.20 -4.98 -6.31
C SER B 171 3.08 -3.56 -5.73
N LEU B 172 3.90 -3.25 -4.69
CA LEU B 172 4.00 -1.92 -4.07
C LEU B 172 4.35 -0.91 -5.16
N GLY B 173 3.65 0.23 -5.18
CA GLY B 173 3.90 1.28 -6.16
C GLY B 173 5.17 2.04 -5.90
N GLY B 174 5.44 2.30 -4.62
CA GLY B 174 6.62 3.04 -4.19
C GLY B 174 6.58 3.31 -2.70
N GLN B 175 7.63 3.99 -2.21
CA GLN B 175 7.79 4.28 -0.79
C GLN B 175 8.71 5.46 -0.51
N ILE B 176 8.30 6.31 0.43
CA ILE B 176 9.13 7.40 0.94
C ILE B 176 9.40 7.08 2.39
N VAL B 177 10.66 7.22 2.80
CA VAL B 177 11.06 7.09 4.19
C VAL B 177 11.53 8.45 4.65
N LEU B 178 10.85 9.03 5.62
CA LEU B 178 11.28 10.28 6.25
C LEU B 178 12.17 9.86 7.42
N GLY B 179 13.38 10.40 7.44
CA GLY B 179 14.34 10.14 8.53
C GLY B 179 15.30 9.00 8.31
N GLY B 180 15.30 8.43 7.11
CA GLY B 180 16.20 7.33 6.77
C GLY B 180 15.99 6.70 5.41
N SER B 181 16.41 5.43 5.31
CA SER B 181 16.30 4.61 4.10
C SER B 181 15.78 3.23 4.43
N ASP B 182 15.25 2.52 3.42
CA ASP B 182 14.79 1.16 3.59
C ASP B 182 15.71 0.21 2.81
N PRO B 183 16.58 -0.55 3.54
CA PRO B 183 17.52 -1.48 2.86
C PRO B 183 16.87 -2.62 2.09
N GLN B 184 15.56 -2.85 2.30
CA GLN B 184 14.82 -3.86 1.54
C GLN B 184 14.65 -3.43 0.08
N HIS B 185 14.75 -2.10 -0.21
CA HIS B 185 14.55 -1.54 -1.54
C HIS B 185 15.80 -1.05 -2.28
N TYR B 186 16.99 -1.34 -1.74
CA TYR B 186 18.24 -1.06 -2.44
C TYR B 186 19.31 -2.12 -2.15
N GLU B 187 20.28 -2.23 -3.09
CA GLU B 187 21.43 -3.14 -3.03
C GLU B 187 22.70 -2.34 -2.77
N GLY B 188 23.69 -2.97 -2.11
CA GLY B 188 24.98 -2.36 -1.86
C GLY B 188 24.94 -1.10 -1.04
N ASN B 189 25.89 -0.21 -1.31
CA ASN B 189 26.05 1.03 -0.56
C ASN B 189 25.74 2.26 -1.38
N PHE B 190 25.35 3.32 -0.69
CA PHE B 190 25.09 4.61 -1.31
C PHE B 190 26.42 5.25 -1.72
N HIS B 191 26.42 5.93 -2.85
CA HIS B 191 27.50 6.80 -3.27
C HIS B 191 26.81 8.15 -3.40
N TYR B 192 27.43 9.18 -2.84
CA TYR B 192 26.89 10.53 -2.72
C TYR B 192 27.52 11.55 -3.65
N ILE B 193 26.68 12.50 -4.11
CA ILE B 193 27.09 13.61 -4.97
C ILE B 193 26.63 14.87 -4.27
N ASN B 194 27.57 15.80 -4.02
CA ASN B 194 27.26 17.06 -3.34
C ASN B 194 26.45 18.00 -4.21
N LEU B 195 25.58 18.79 -3.58
CA LEU B 195 24.79 19.78 -4.30
C LEU B 195 25.71 20.91 -4.76
N ILE B 196 25.47 21.45 -5.97
CA ILE B 196 26.21 22.61 -6.49
C ILE B 196 26.05 23.75 -5.49
N LYS B 197 24.83 23.94 -5.00
CA LYS B 197 24.49 24.92 -3.99
C LYS B 197 23.28 24.47 -3.21
N THR B 198 23.18 24.92 -1.94
CA THR B 198 22.00 24.66 -1.11
C THR B 198 20.85 25.48 -1.73
N GLY B 199 19.63 25.05 -1.47
CA GLY B 199 18.47 25.75 -1.98
C GLY B 199 17.78 25.03 -3.13
N VAL B 200 18.48 24.07 -3.76
CA VAL B 200 17.96 23.31 -4.90
C VAL B 200 18.62 21.94 -4.96
N TRP B 201 17.81 20.87 -5.13
CA TRP B 201 18.33 19.50 -5.24
C TRP B 201 18.91 19.29 -6.65
N GLN B 202 20.02 19.99 -6.93
CA GLN B 202 20.68 19.99 -8.23
C GLN B 202 22.17 19.68 -8.05
N ILE B 203 22.68 18.80 -8.92
CA ILE B 203 24.07 18.34 -8.86
C ILE B 203 24.75 18.54 -10.21
N GLN B 204 26.09 18.52 -10.19
CA GLN B 204 26.89 18.59 -11.39
C GLN B 204 26.84 17.24 -12.10
N MET B 205 26.69 17.27 -13.41
CA MET B 205 26.76 16.09 -14.25
C MET B 205 27.98 16.29 -15.17
N LYS B 206 28.85 15.28 -15.24
CA LYS B 206 30.10 15.37 -16.01
C LYS B 206 30.08 14.74 -17.39
N GLY B 207 28.92 14.28 -17.82
CA GLY B 207 28.79 13.67 -19.13
C GLY B 207 27.60 12.74 -19.27
N VAL B 208 27.06 12.66 -20.50
CA VAL B 208 25.96 11.77 -20.84
C VAL B 208 26.44 10.94 -22.04
N SER B 209 26.61 9.63 -21.85
CA SER B 209 27.07 8.73 -22.89
C SER B 209 25.96 7.87 -23.48
N VAL B 210 25.98 7.70 -24.80
CA VAL B 210 25.09 6.80 -25.52
C VAL B 210 26.01 5.70 -26.04
N GLY B 211 25.92 4.53 -25.42
CA GLY B 211 26.84 3.45 -25.71
C GLY B 211 28.16 3.71 -25.00
N SER B 212 29.26 3.41 -25.67
CA SER B 212 30.59 3.58 -25.08
C SER B 212 31.10 5.04 -25.12
N SER B 213 30.66 5.80 -26.12
CA SER B 213 31.12 7.16 -26.38
C SER B 213 30.29 8.27 -25.74
N THR B 214 30.98 9.28 -25.13
CA THR B 214 30.32 10.44 -24.52
C THR B 214 29.90 11.40 -25.62
N LEU B 215 28.61 11.37 -25.96
CA LEU B 215 28.10 12.22 -27.02
C LEU B 215 27.65 13.57 -26.51
N LEU B 216 27.12 13.62 -25.28
CA LEU B 216 26.57 14.85 -24.72
C LEU B 216 27.18 15.25 -23.39
N CYS B 217 26.91 16.51 -22.98
CA CYS B 217 27.35 17.09 -21.70
C CYS B 217 28.88 16.95 -21.53
N GLU B 218 29.61 17.20 -22.62
CA GLU B 218 31.06 17.18 -22.62
C GLU B 218 31.37 18.57 -22.08
N ASP B 219 32.23 18.66 -21.06
CA ASP B 219 32.57 19.89 -20.34
C ASP B 219 31.59 20.24 -19.23
N GLY B 220 30.74 19.28 -18.86
CA GLY B 220 29.83 19.44 -17.76
C GLY B 220 28.51 20.09 -18.05
N CYS B 221 27.53 19.84 -17.17
CA CYS B 221 26.17 20.36 -17.21
C CYS B 221 25.47 20.11 -15.87
N LEU B 222 24.21 20.55 -15.74
CA LEU B 222 23.44 20.42 -14.51
C LEU B 222 22.41 19.31 -14.56
N ALA B 223 22.13 18.72 -13.39
CA ALA B 223 21.13 17.66 -13.25
C ALA B 223 20.28 17.90 -12.00
N LEU B 224 19.01 18.21 -12.22
CA LEU B 224 18.03 18.37 -11.15
C LEU B 224 17.47 16.99 -10.83
N VAL B 225 17.55 16.55 -9.56
CA VAL B 225 17.01 15.24 -9.14
C VAL B 225 15.60 15.52 -8.66
N ASP B 226 14.62 15.25 -9.54
CA ASP B 226 13.24 15.66 -9.40
C ASP B 226 12.23 14.52 -9.25
N THR B 227 11.75 14.31 -8.01
CA THR B 227 10.80 13.25 -7.68
C THR B 227 9.42 13.51 -8.23
N GLY B 228 9.11 14.77 -8.54
CA GLY B 228 7.83 15.17 -9.10
C GLY B 228 7.78 15.09 -10.61
N ALA B 229 8.90 14.73 -11.27
CA ALA B 229 8.99 14.61 -12.74
C ALA B 229 8.89 13.15 -13.16
N SER B 230 8.13 12.89 -14.22
CA SER B 230 7.87 11.54 -14.71
C SER B 230 9.06 10.92 -15.42
N TYR B 231 9.77 11.73 -16.18
CA TYR B 231 10.82 11.24 -17.04
C TYR B 231 12.19 11.80 -16.74
N ILE B 232 13.15 11.39 -17.55
CA ILE B 232 14.45 12.01 -17.62
C ILE B 232 14.24 13.07 -18.72
N SER B 233 14.60 14.31 -18.44
CA SER B 233 14.51 15.36 -19.44
C SER B 233 15.82 16.09 -19.61
N GLY B 234 16.04 16.59 -20.80
CA GLY B 234 17.17 17.44 -21.15
C GLY B 234 16.63 18.57 -22.00
N SER B 235 17.49 19.51 -22.41
CA SER B 235 17.09 20.60 -23.30
C SER B 235 16.64 20.02 -24.66
N THR B 236 15.86 20.80 -25.43
CA THR B 236 15.39 20.37 -26.76
C THR B 236 16.58 19.96 -27.64
N SER B 237 17.67 20.74 -27.58
CA SER B 237 18.87 20.47 -28.36
C SER B 237 19.56 19.18 -27.92
N SER B 238 19.71 18.98 -26.60
CA SER B 238 20.35 17.78 -26.07
C SER B 238 19.57 16.52 -26.45
N ILE B 239 18.24 16.57 -26.32
CA ILE B 239 17.37 15.43 -26.60
C ILE B 239 17.32 15.04 -28.07
N GLU B 240 17.28 16.03 -28.96
CA GLU B 240 17.26 15.73 -30.39
C GLU B 240 18.55 15.08 -30.87
N LYS B 241 19.68 15.41 -30.21
CA LYS B 241 20.98 14.77 -30.46
C LYS B 241 20.97 13.34 -29.88
N LEU B 242 20.41 13.17 -28.65
CA LEU B 242 20.29 11.88 -28.00
C LEU B 242 19.46 10.93 -28.88
N MET B 243 18.30 11.41 -29.34
CA MET B 243 17.36 10.61 -30.14
C MET B 243 17.88 10.25 -31.52
N GLU B 244 18.68 11.16 -32.10
CA GLU B 244 19.38 10.95 -33.37
C GLU B 244 20.29 9.73 -33.21
N ALA B 245 21.05 9.69 -32.09
CA ALA B 245 21.98 8.60 -31.76
C ALA B 245 21.27 7.28 -31.52
N LEU B 246 20.08 7.31 -30.90
CA LEU B 246 19.30 6.10 -30.63
C LEU B 246 18.58 5.58 -31.87
N GLY B 247 18.32 6.48 -32.82
CA GLY B 247 17.58 6.14 -34.03
C GLY B 247 16.08 6.22 -33.79
N ALA B 248 15.67 6.96 -32.73
CA ALA B 248 14.27 7.17 -32.40
C ALA B 248 13.71 8.31 -33.25
N LYS B 249 12.47 8.20 -33.67
CA LYS B 249 11.87 9.25 -34.47
C LYS B 249 10.67 9.84 -33.75
N LYS B 250 10.45 11.15 -33.92
CA LYS B 250 9.30 11.83 -33.32
C LYS B 250 8.05 11.42 -34.10
N ARG B 251 7.10 10.75 -33.41
CA ARG B 251 5.86 10.28 -34.01
C ARG B 251 4.98 11.48 -34.36
N LEU B 252 4.55 12.21 -33.33
CA LEU B 252 3.74 13.42 -33.47
C LEU B 252 4.01 14.28 -32.26
N PHE B 253 3.77 13.73 -31.08
CA PHE B 253 4.02 14.40 -29.82
C PHE B 253 5.29 13.86 -29.20
N ASP B 254 5.52 12.53 -29.26
CA ASP B 254 6.69 11.92 -28.63
C ASP B 254 7.62 11.17 -29.57
N TYR B 255 8.83 10.85 -29.07
CA TYR B 255 9.81 10.04 -29.80
C TYR B 255 9.43 8.57 -29.64
N VAL B 256 9.57 7.76 -30.70
CA VAL B 256 9.24 6.34 -30.70
C VAL B 256 10.29 5.50 -31.41
N VAL B 257 10.25 4.19 -31.15
CA VAL B 257 11.08 3.16 -31.76
C VAL B 257 10.14 1.99 -32.09
N LYS B 258 10.51 1.13 -33.04
CA LYS B 258 9.73 -0.10 -33.30
C LYS B 258 9.96 -0.98 -32.08
N CYS B 259 8.90 -1.55 -31.50
CA CYS B 259 8.96 -2.30 -30.24
C CYS B 259 9.99 -3.43 -30.24
N ASN B 260 10.10 -4.15 -31.36
CA ASN B 260 11.05 -5.25 -31.50
C ASN B 260 12.50 -4.78 -31.41
N GLU B 261 12.77 -3.53 -31.81
CA GLU B 261 14.10 -2.92 -31.81
C GLU B 261 14.50 -2.28 -30.49
N GLY B 262 13.54 -2.15 -29.58
CA GLY B 262 13.77 -1.61 -28.24
C GLY B 262 14.94 -2.29 -27.54
N PRO B 263 14.93 -3.65 -27.44
CA PRO B 263 16.07 -4.37 -26.83
C PRO B 263 17.44 -4.12 -27.48
N THR B 264 17.47 -3.74 -28.77
CA THR B 264 18.72 -3.47 -29.49
C THR B 264 19.32 -2.08 -29.20
N LEU B 265 18.53 -1.19 -28.57
CA LEU B 265 18.99 0.18 -28.30
C LEU B 265 20.15 0.22 -27.30
N PRO B 266 21.08 1.18 -27.45
CA PRO B 266 22.26 1.23 -26.55
C PRO B 266 21.96 1.72 -25.14
N ASP B 267 22.90 1.47 -24.23
CA ASP B 267 22.81 1.94 -22.86
C ASP B 267 23.02 3.44 -22.84
N ILE B 268 22.39 4.12 -21.90
CA ILE B 268 22.57 5.55 -21.67
C ILE B 268 23.18 5.72 -20.29
N SER B 269 24.34 6.36 -20.22
CA SER B 269 25.07 6.54 -18.98
C SER B 269 25.19 7.99 -18.56
N PHE B 270 24.88 8.26 -17.30
CA PHE B 270 24.96 9.59 -16.71
C PHE B 270 26.13 9.60 -15.74
N HIS B 271 27.12 10.45 -16.00
CA HIS B 271 28.31 10.57 -15.15
C HIS B 271 28.07 11.52 -14.00
N LEU B 272 27.91 10.97 -12.80
CA LEU B 272 27.59 11.75 -11.60
C LEU B 272 28.56 11.39 -10.48
N GLY B 273 29.26 12.40 -9.97
CA GLY B 273 30.21 12.27 -8.88
C GLY B 273 31.27 11.20 -9.08
N GLY B 274 31.83 11.12 -10.28
CA GLY B 274 32.88 10.17 -10.61
C GLY B 274 32.43 8.76 -10.95
N LYS B 275 31.14 8.46 -10.76
CA LYS B 275 30.58 7.15 -11.08
C LYS B 275 29.66 7.23 -12.30
N GLU B 276 29.47 6.11 -12.97
CA GLU B 276 28.62 6.03 -14.15
C GLU B 276 27.29 5.35 -13.77
N TYR B 277 26.18 6.05 -14.02
CA TYR B 277 24.82 5.57 -13.73
C TYR B 277 24.17 5.17 -15.03
N THR B 278 24.15 3.85 -15.29
CA THR B 278 23.69 3.31 -16.56
C THR B 278 22.25 2.83 -16.58
N LEU B 279 21.53 3.24 -17.62
CA LEU B 279 20.19 2.76 -17.91
C LEU B 279 20.27 1.99 -19.23
N THR B 280 19.74 0.76 -19.23
CA THR B 280 19.62 -0.07 -20.42
C THR B 280 18.32 0.34 -21.11
N SER B 281 18.11 -0.15 -22.34
CA SER B 281 16.89 0.14 -23.09
C SER B 281 15.62 -0.31 -22.33
N ALA B 282 15.72 -1.41 -21.57
CA ALA B 282 14.63 -1.93 -20.73
C ALA B 282 14.23 -0.90 -19.66
N ASP B 283 15.19 -0.04 -19.24
CA ASP B 283 14.94 0.99 -18.25
C ASP B 283 14.30 2.26 -18.81
N TYR B 284 14.52 2.57 -20.09
CA TYR B 284 14.02 3.82 -20.67
C TYR B 284 13.00 3.70 -21.79
N VAL B 285 12.70 2.47 -22.22
CA VAL B 285 11.69 2.25 -23.26
C VAL B 285 10.44 1.70 -22.60
N PHE B 286 9.28 2.31 -22.90
CA PHE B 286 7.99 1.78 -22.45
C PHE B 286 7.68 0.61 -23.41
N GLN B 287 8.19 -0.57 -23.05
CA GLN B 287 8.09 -1.77 -23.86
C GLN B 287 6.73 -2.44 -23.70
N GLU B 288 5.68 -1.76 -24.18
CA GLU B 288 4.28 -2.22 -24.16
C GLU B 288 4.08 -3.47 -24.98
N SER B 289 5.08 -3.82 -25.81
CA SER B 289 5.17 -5.04 -26.61
C SER B 289 6.58 -5.18 -27.18
N TYR B 290 6.83 -6.29 -27.88
CA TYR B 290 8.10 -6.52 -28.57
C TYR B 290 7.77 -6.82 -30.05
N SER B 291 6.59 -6.32 -30.50
CA SER B 291 6.09 -6.49 -31.87
C SER B 291 6.78 -5.59 -32.86
N SER B 292 7.11 -6.16 -34.01
CA SER B 292 7.66 -5.44 -35.15
C SER B 292 6.57 -4.58 -35.82
N LYS B 293 5.30 -4.80 -35.45
CA LYS B 293 4.13 -4.11 -35.99
C LYS B 293 3.63 -2.97 -35.10
N LYS B 294 4.32 -2.73 -33.97
CA LYS B 294 3.93 -1.69 -33.02
C LYS B 294 5.06 -0.71 -32.77
N LEU B 295 4.71 0.52 -32.33
CA LEU B 295 5.66 1.58 -31.98
C LEU B 295 5.69 1.74 -30.47
N CYS B 296 6.90 1.85 -29.91
CA CYS B 296 7.12 1.95 -28.46
C CYS B 296 7.74 3.30 -28.10
N THR B 297 7.16 3.98 -27.12
CA THR B 297 7.63 5.28 -26.64
C THR B 297 8.79 5.15 -25.68
N LEU B 298 9.53 6.24 -25.49
CA LEU B 298 10.64 6.27 -24.55
C LEU B 298 10.30 7.15 -23.35
N ALA B 299 10.88 6.83 -22.20
CA ALA B 299 10.66 7.54 -20.97
C ALA B 299 11.68 8.69 -20.80
N ILE B 300 12.05 9.34 -21.92
CA ILE B 300 12.95 10.50 -21.98
C ILE B 300 12.27 11.56 -22.86
N HIS B 301 12.10 12.78 -22.36
CA HIS B 301 11.43 13.87 -23.08
C HIS B 301 12.26 15.16 -23.06
N ALA B 302 12.02 16.07 -24.02
CA ALA B 302 12.65 17.39 -24.00
C ALA B 302 11.86 18.30 -23.06
N MET B 303 12.57 19.05 -22.23
CA MET B 303 12.00 20.06 -21.36
C MET B 303 12.99 21.20 -21.16
N ASP B 304 12.64 22.38 -21.67
CA ASP B 304 13.50 23.55 -21.53
C ASP B 304 13.15 24.30 -20.25
N ILE B 305 13.95 24.07 -19.20
CA ILE B 305 13.75 24.71 -17.90
C ILE B 305 14.47 26.06 -17.92
N PRO B 306 13.76 27.16 -17.63
CA PRO B 306 14.39 28.48 -17.72
C PRO B 306 15.26 28.85 -16.51
N PRO B 307 16.08 29.92 -16.64
CA PRO B 307 16.88 30.40 -15.49
C PRO B 307 16.00 30.84 -14.30
N PRO B 308 16.55 30.82 -13.07
CA PRO B 308 17.93 30.46 -12.71
C PRO B 308 18.21 28.96 -12.56
N THR B 309 17.15 28.14 -12.39
CA THR B 309 17.29 26.69 -12.19
C THR B 309 17.89 26.00 -13.41
N GLY B 310 17.36 26.31 -14.59
CA GLY B 310 17.83 25.78 -15.85
C GLY B 310 18.68 26.77 -16.63
N PRO B 311 19.22 26.40 -17.81
CA PRO B 311 19.09 25.11 -18.51
C PRO B 311 19.65 23.98 -17.66
N THR B 312 18.92 22.85 -17.59
CA THR B 312 19.29 21.71 -16.77
C THR B 312 18.60 20.45 -17.26
N TRP B 313 19.26 19.31 -17.04
CA TRP B 313 18.65 18.01 -17.22
C TRP B 313 17.82 17.79 -15.95
N ALA B 314 16.78 16.98 -16.05
CA ALA B 314 16.00 16.60 -14.88
C ALA B 314 15.99 15.08 -14.81
N LEU B 315 16.37 14.53 -13.65
CA LEU B 315 16.37 13.09 -13.44
C LEU B 315 15.14 12.75 -12.63
N GLY B 316 14.08 12.39 -13.35
CA GLY B 316 12.78 12.09 -12.76
C GLY B 316 12.55 10.63 -12.49
N ALA B 317 11.28 10.21 -12.57
CA ALA B 317 10.85 8.85 -12.22
C ALA B 317 11.62 7.74 -12.94
N THR B 318 11.98 7.98 -14.23
CA THR B 318 12.74 7.03 -15.07
C THR B 318 14.07 6.65 -14.41
N PHE B 319 14.79 7.66 -13.89
CA PHE B 319 16.07 7.47 -13.21
C PHE B 319 15.91 6.85 -11.81
N ILE B 320 14.93 7.34 -11.03
CA ILE B 320 14.67 6.89 -9.65
C ILE B 320 14.26 5.41 -9.59
N ARG B 321 13.52 4.93 -10.61
CA ARG B 321 13.11 3.53 -10.71
C ARG B 321 14.34 2.61 -10.66
N LYS B 322 15.42 2.98 -11.34
CA LYS B 322 16.66 2.20 -11.31
C LYS B 322 17.48 2.47 -10.07
N PHE B 323 17.55 3.75 -9.65
CA PHE B 323 18.38 4.14 -8.52
C PHE B 323 17.63 4.72 -7.35
N TYR B 324 17.55 3.92 -6.27
CA TYR B 324 17.00 4.32 -4.98
C TYR B 324 17.76 5.59 -4.56
N THR B 325 17.02 6.64 -4.21
CA THR B 325 17.59 7.96 -3.93
C THR B 325 17.40 8.43 -2.50
N GLU B 326 18.49 8.88 -1.88
CA GLU B 326 18.45 9.46 -0.55
C GLU B 326 18.80 10.96 -0.64
N PHE B 327 17.93 11.81 -0.11
CA PHE B 327 18.12 13.25 -0.09
C PHE B 327 18.59 13.63 1.30
N ASP B 328 19.87 14.05 1.39
CA ASP B 328 20.55 14.36 2.63
C ASP B 328 20.64 15.87 2.89
N ARG B 329 19.77 16.35 3.78
CA ARG B 329 19.72 17.77 4.13
C ARG B 329 20.87 18.19 5.04
N ARG B 330 21.30 17.29 5.93
CA ARG B 330 22.41 17.54 6.85
C ARG B 330 23.69 17.92 6.11
N ASN B 331 24.01 17.18 5.05
CA ASN B 331 25.25 17.34 4.27
C ASN B 331 25.07 17.95 2.90
N ASN B 332 23.84 18.35 2.54
CA ASN B 332 23.55 18.93 1.22
C ASN B 332 24.14 18.09 0.07
N ARG B 333 23.65 16.86 -0.02
CA ARG B 333 24.09 15.92 -1.03
C ARG B 333 22.99 14.92 -1.33
N ILE B 334 23.16 14.19 -2.43
CA ILE B 334 22.20 13.19 -2.87
C ILE B 334 22.92 11.85 -2.99
N GLY B 335 22.33 10.80 -2.42
CA GLY B 335 22.87 9.45 -2.47
C GLY B 335 22.08 8.53 -3.38
N PHE B 336 22.80 7.69 -4.14
CA PHE B 336 22.19 6.71 -5.04
C PHE B 336 22.68 5.31 -4.72
N ALA B 337 21.78 4.33 -4.85
CA ALA B 337 22.09 2.91 -4.71
C ALA B 337 21.15 2.16 -5.66
N LEU B 338 21.59 1.00 -6.15
CA LEU B 338 20.80 0.20 -7.09
C LEU B 338 19.50 -0.23 -6.39
N ALA B 339 18.36 0.16 -6.97
CA ALA B 339 17.05 -0.19 -6.40
C ALA B 339 16.71 -1.66 -6.60
N ARG B 340 15.85 -2.19 -5.71
CA ARG B 340 15.37 -3.57 -5.79
C ARG B 340 13.95 -3.75 -5.21
C1 NAG C . -13.95 -35.99 23.58
C2 NAG C . -14.56 -37.02 24.52
C3 NAG C . -15.69 -36.38 25.33
C4 NAG C . -15.20 -35.10 26.04
C5 NAG C . -14.45 -34.18 25.06
C6 NAG C . -13.76 -33.01 25.80
C7 NAG C . -14.43 -39.40 23.87
C8 NAG C . -15.20 -40.46 23.13
N2 NAG C . -15.08 -38.21 23.85
O3 NAG C . -16.13 -37.31 26.33
O4 NAG C . -16.35 -34.38 26.51
O5 NAG C . -13.44 -34.91 24.34
O6 NAG C . -14.32 -31.79 25.33
O7 NAG C . -13.32 -39.61 24.39
C1 S51 D . -10.76 -19.79 -1.04
C2 S51 D . -10.17 -18.74 -0.35
C3 S51 D . -10.85 -18.14 0.71
C4 S51 D . -12.15 -18.50 1.10
C5 S51 D . -12.71 -19.56 0.36
C6 S51 D . -12.04 -20.21 -0.68
N12 S51 D . -12.79 -17.86 2.14
C13 S51 D . -13.29 -16.61 1.97
C14 S51 D . -14.16 -16.42 3.05
C15 S51 D . -14.12 -17.57 3.82
C16 S51 D . -13.41 -18.57 3.12
C17 S51 D . -13.02 -15.54 1.11
C18 S51 D . -13.66 -14.31 1.30
C19 S51 D . -14.55 -14.13 2.36
C20 S51 D . -14.81 -15.18 3.25
C26 S51 D . -12.61 -20.03 4.95
C29 S51 D . -13.32 -20.73 5.91
C30 S51 D . -12.87 -20.71 7.24
C31 S51 D . -11.72 -19.98 7.58
C32 S51 D . -11.02 -19.25 6.61
C33 S51 D . -11.46 -19.28 5.29
C39 S51 D . -15.10 -17.75 4.96
N40 S51 D . -15.05 -17.04 6.12
O41 S51 D . -15.97 -18.61 4.82
C42 S51 D . -14.08 -15.99 6.41
C43 S51 D . -13.38 -16.37 7.72
N44 S51 D . -14.31 -16.66 8.79
C45 S51 D . -15.38 -17.59 8.50
C46 S51 D . -16.07 -17.25 7.18
C60 S51 D . -13.12 -20.01 3.55
C1 NAG E . 0.27 34.75 7.27
C2 NAG E . 0.08 36.12 7.93
C3 NAG E . 1.33 36.98 7.68
C4 NAG E . 2.63 36.25 8.07
C5 NAG E . 2.62 34.83 7.45
C6 NAG E . 3.85 33.92 7.52
C7 NAG E . -2.23 36.96 8.23
C8 NAG E . -3.28 37.77 7.55
N2 NAG E . -1.08 36.85 7.49
O3 NAG E . 1.25 38.15 8.50
O4 NAG E . 3.74 36.94 7.49
O5 NAG E . 1.43 34.12 7.80
O6 NAG E . 4.71 33.84 8.68
O7 NAG E . -2.42 36.41 9.31
C1 S51 F . 0.45 14.91 -14.78
C2 S51 F . 1.54 14.38 -14.10
C3 S51 F . 2.72 15.12 -13.98
C4 S51 F . 2.90 16.41 -14.56
C5 S51 F . 1.77 16.89 -15.25
C6 S51 F . 0.57 16.17 -15.36
N12 S51 F . 4.06 17.10 -14.42
C13 S51 F . 5.16 16.78 -15.13
C14 S51 F . 6.11 17.75 -14.78
C15 S51 F . 5.52 18.56 -13.79
C16 S51 F . 4.17 18.22 -13.66
C17 S51 F . 5.50 15.75 -16.02
C18 S51 F . 6.80 15.70 -16.56
C19 S51 F . 7.74 16.68 -16.20
C20 S51 F . 7.41 17.71 -15.31
C26 S51 F . 3.62 18.82 -11.32
C29 S51 F . 3.70 20.03 -10.63
C30 S51 F . 4.15 20.05 -9.32
C31 S51 F . 4.52 18.84 -8.72
C32 S51 F . 4.45 17.62 -9.41
C33 S51 F . 3.98 17.61 -10.72
C39 S51 F . 6.22 19.80 -13.27
N40 S51 F . 7.32 19.76 -12.47
O41 S51 F . 5.73 20.88 -13.57
C42 S51 F . 7.97 18.50 -12.06
C43 S51 F . 8.00 18.48 -10.54
N44 S51 F . 8.54 19.70 -9.98
C45 S51 F . 8.04 20.98 -10.48
C46 S51 F . 7.97 21.00 -12.01
C60 S51 F . 3.14 18.83 -12.75
#